data_3KC1
#
_entry.id   3KC1
#
_cell.length_a   67.358
_cell.length_b   83.213
_cell.length_c   278.147
_cell.angle_alpha   90.000
_cell.angle_beta   90.000
_cell.angle_gamma   90.000
#
_symmetry.space_group_name_H-M   'P 21 21 21'
#
loop_
_entity.id
_entity.type
_entity.pdbx_description
1 polymer 'Fructose-1,6-bisphosphatase 1'
2 non-polymer '{[(7-carbamoyl-8H-indeno[1,2-d][1,3]thiazol-4-yl)oxy]methyl}phosphonic acid'
3 water water
#
_entity_poly.entity_id   1
_entity_poly.type   'polypeptide(L)'
_entity_poly.pdbx_seq_one_letter_code
;ADQAPFDTDVNTLTRFVMEEGRKARGTGELTQLLNSLCTAVKAISSAVRKAGIAHLYGIAGSTNVTGDQVKKLDVLSNDL
VMNMLKSSFATCVLVSEEDKHAIIVEPEKRGKYVVCFDPLDGSSNIDCLVSVGTIFGIYRKKSTDEPSEKDALQPGRNLV
AAGYALYGSATMLVLAMDCGVNCFMLDPAIGEFILVDKDVKIKKKGKIYSLNEGYAKDFDPAVTEYIQRKKFPPDNSAPY
GARYVGSMVADVHRTLVYGGIFLYPANKKSPNGKLRLLYECNPMAYVMEKAGGMATTGKEAVLDVIPTDIHQRAPVILGS
PDDVLEFLKVYEKHSAQ
;
_entity_poly.pdbx_strand_id   A,B,C,D
#
# COMPACT_ATOMS: atom_id res chain seq x y z
N ASP A 9 -15.19 -10.27 18.06
CA ASP A 9 -14.50 -8.99 18.40
C ASP A 9 -13.05 -8.99 17.89
N VAL A 10 -12.78 -8.13 16.92
CA VAL A 10 -11.44 -8.02 16.35
C VAL A 10 -10.43 -7.66 17.43
N ASN A 11 -9.20 -8.10 17.25
CA ASN A 11 -8.14 -7.80 18.20
C ASN A 11 -6.90 -7.52 17.35
N THR A 12 -6.05 -6.61 17.82
CA THR A 12 -4.83 -6.29 17.09
C THR A 12 -3.63 -6.55 18.01
N LEU A 13 -2.43 -6.57 17.44
CA LEU A 13 -1.25 -6.83 18.23
C LEU A 13 -1.09 -5.75 19.30
N THR A 14 -1.32 -4.50 18.91
CA THR A 14 -1.21 -3.38 19.85
C THR A 14 -2.20 -3.54 21.01
N ARG A 15 -3.45 -3.85 20.70
CA ARG A 15 -4.46 -4.03 21.75
C ARG A 15 -4.15 -5.23 22.63
N PHE A 16 -3.78 -6.34 22.00
CA PHE A 16 -3.45 -7.57 22.72
C PHE A 16 -2.31 -7.37 23.71
N VAL A 17 -1.22 -6.77 23.24
CA VAL A 17 -0.06 -6.53 24.10
C VAL A 17 -0.36 -5.55 25.23
N MET A 18 -1.10 -4.50 24.90
CA MET A 18 -1.43 -3.49 25.90
C MET A 18 -2.23 -4.13 27.04
N GLU A 19 -3.18 -4.98 26.69
CA GLU A 19 -4.01 -5.66 27.68
C GLU A 19 -3.19 -6.60 28.56
N GLU A 20 -2.37 -7.46 27.95
CA GLU A 20 -1.55 -8.37 28.73
C GLU A 20 -0.60 -7.60 29.64
N GLY A 21 -0.02 -6.54 29.11
CA GLY A 21 0.88 -5.71 29.89
C GLY A 21 0.16 -5.10 31.09
N ARG A 22 -1.09 -4.69 30.88
CA ARG A 22 -1.87 -4.08 31.95
C ARG A 22 -2.10 -5.09 33.09
N LYS A 23 -2.35 -6.34 32.72
CA LYS A 23 -2.58 -7.39 33.71
C LYS A 23 -1.34 -7.67 34.56
N ALA A 24 -0.17 -7.43 33.99
CA ALA A 24 1.08 -7.68 34.70
C ALA A 24 1.40 -6.60 35.73
N ARG A 25 0.69 -5.47 35.64
CA ARG A 25 0.87 -4.35 36.56
C ARG A 25 2.34 -3.97 36.76
N GLY A 26 3.06 -3.82 35.65
CA GLY A 26 4.46 -3.45 35.71
C GLY A 26 4.71 -2.01 35.32
N THR A 27 5.85 -1.73 34.70
CA THR A 27 6.18 -0.38 34.29
C THR A 27 5.68 -0.01 32.89
N GLY A 28 5.34 -1.03 32.09
CA GLY A 28 4.86 -0.79 30.75
C GLY A 28 5.97 -0.90 29.72
N GLU A 29 7.17 -1.19 30.18
CA GLU A 29 8.33 -1.31 29.31
C GLU A 29 8.20 -2.38 28.22
N LEU A 30 7.85 -3.60 28.61
CA LEU A 30 7.73 -4.66 27.62
C LEU A 30 6.70 -4.31 26.55
N THR A 31 5.65 -3.58 26.95
CA THR A 31 4.62 -3.16 26.01
C THR A 31 5.25 -2.22 24.97
N GLN A 32 6.03 -1.25 25.45
CA GLN A 32 6.69 -0.30 24.56
C GLN A 32 7.70 -1.02 23.67
N LEU A 33 8.39 -2.00 24.25
CA LEU A 33 9.39 -2.77 23.52
C LEU A 33 8.72 -3.50 22.36
N LEU A 34 7.61 -4.18 22.67
CA LEU A 34 6.89 -4.93 21.65
C LEU A 34 6.25 -4.03 20.59
N ASN A 35 5.74 -2.87 21.02
CA ASN A 35 5.14 -1.90 20.10
C ASN A 35 6.20 -1.47 19.11
N SER A 36 7.38 -1.16 19.63
CA SER A 36 8.50 -0.71 18.82
C SER A 36 8.96 -1.81 17.86
N LEU A 37 9.01 -3.04 18.36
CA LEU A 37 9.43 -4.17 17.54
C LEU A 37 8.43 -4.35 16.41
N CYS A 38 7.15 -4.22 16.75
CA CYS A 38 6.07 -4.34 15.78
C CYS A 38 6.23 -3.34 14.65
N THR A 39 6.54 -2.10 15.00
CA THR A 39 6.73 -1.05 14.01
C THR A 39 7.90 -1.40 13.10
N ALA A 40 8.99 -1.88 13.69
CA ALA A 40 10.15 -2.25 12.91
C ALA A 40 9.83 -3.38 11.93
N VAL A 41 9.06 -4.36 12.40
CA VAL A 41 8.67 -5.50 11.56
C VAL A 41 7.87 -5.03 10.35
N LYS A 42 6.97 -4.07 10.55
CA LYS A 42 6.18 -3.54 9.43
C LYS A 42 7.08 -2.84 8.41
N ALA A 43 8.12 -2.16 8.92
CA ALA A 43 9.05 -1.45 8.05
C ALA A 43 9.88 -2.46 7.28
N ILE A 44 10.30 -3.53 7.95
CA ILE A 44 11.08 -4.57 7.29
C ILE A 44 10.22 -5.22 6.21
N SER A 45 8.97 -5.53 6.57
CA SER A 45 8.05 -6.15 5.61
C SER A 45 7.91 -5.29 4.36
N SER A 46 7.70 -3.99 4.56
CA SER A 46 7.54 -3.06 3.45
C SER A 46 8.76 -3.11 2.51
N ALA A 47 9.95 -3.10 3.08
CA ALA A 47 11.17 -3.14 2.28
C ALA A 47 11.35 -4.50 1.63
N VAL A 48 11.02 -5.57 2.34
CA VAL A 48 11.16 -6.91 1.78
C VAL A 48 10.26 -7.08 0.55
N ARG A 49 9.04 -6.55 0.61
CA ARG A 49 8.13 -6.64 -0.52
C ARG A 49 8.56 -5.69 -1.65
N LYS A 50 9.70 -5.03 -1.45
CA LYS A 50 10.28 -4.13 -2.45
C LYS A 50 9.54 -2.83 -2.78
N ALA A 51 8.90 -2.23 -1.78
CA ALA A 51 8.21 -0.96 -2.01
C ALA A 51 9.27 0.07 -2.36
N GLY A 52 9.03 0.86 -3.41
CA GLY A 52 9.99 1.88 -3.79
C GLY A 52 11.15 1.40 -4.64
N ILE A 53 11.17 0.12 -5.00
CA ILE A 53 12.25 -0.42 -5.82
C ILE A 53 12.35 0.33 -7.14
N ALA A 54 11.25 0.92 -7.58
CA ALA A 54 11.23 1.68 -8.83
C ALA A 54 12.25 2.83 -8.80
N HIS A 55 12.39 3.44 -7.63
CA HIS A 55 13.34 4.55 -7.47
C HIS A 55 14.77 4.06 -7.60
N LEU A 56 15.00 2.81 -7.22
CA LEU A 56 16.34 2.25 -7.31
C LEU A 56 16.70 2.00 -8.78
N TYR A 57 15.67 1.76 -9.61
CA TYR A 57 15.91 1.51 -11.02
C TYR A 57 15.77 2.73 -11.94
N GLY A 58 15.84 3.91 -11.35
CA GLY A 58 15.79 5.14 -12.13
C GLY A 58 14.48 5.74 -12.58
N ILE A 59 13.37 5.45 -11.92
CA ILE A 59 12.10 6.00 -12.35
C ILE A 59 12.10 7.53 -12.30
N ALA A 60 12.90 8.11 -11.40
CA ALA A 60 12.97 9.56 -11.28
C ALA A 60 14.28 10.11 -11.84
N GLY A 61 14.99 9.29 -12.63
CA GLY A 61 16.23 9.74 -13.23
C GLY A 61 17.46 9.33 -12.44
N VAL A 70 19.14 2.01 -0.88
CA VAL A 70 20.27 1.41 -1.58
C VAL A 70 21.04 0.38 -0.74
N LYS A 71 20.94 0.48 0.58
CA LYS A 71 21.66 -0.48 1.41
C LYS A 71 21.03 -1.86 1.38
N LYS A 72 21.82 -2.86 1.74
CA LYS A 72 21.34 -4.23 1.72
C LYS A 72 20.20 -4.42 2.73
N LEU A 73 19.29 -5.33 2.41
CA LEU A 73 18.15 -5.58 3.28
C LEU A 73 18.49 -6.09 4.66
N ASP A 74 19.49 -6.96 4.76
CA ASP A 74 19.87 -7.46 6.08
C ASP A 74 20.38 -6.32 6.96
N VAL A 75 21.14 -5.41 6.36
CA VAL A 75 21.68 -4.25 7.07
C VAL A 75 20.53 -3.31 7.49
N LEU A 76 19.63 -3.04 6.55
CA LEU A 76 18.49 -2.16 6.82
C LEU A 76 17.65 -2.74 7.95
N SER A 77 17.39 -4.04 7.88
CA SER A 77 16.58 -4.71 8.90
C SER A 77 17.22 -4.60 10.27
N ASN A 78 18.53 -4.80 10.34
CA ASN A 78 19.24 -4.69 11.61
C ASN A 78 19.11 -3.27 12.15
N ASP A 79 19.27 -2.28 11.25
CA ASP A 79 19.17 -0.87 11.64
C ASP A 79 17.77 -0.55 12.19
N LEU A 80 16.74 -1.08 11.54
CA LEU A 80 15.38 -0.86 11.96
C LEU A 80 15.11 -1.41 13.36
N VAL A 81 15.50 -2.67 13.59
CA VAL A 81 15.28 -3.29 14.89
C VAL A 81 16.10 -2.58 15.97
N MET A 82 17.39 -2.38 15.70
CA MET A 82 18.27 -1.70 16.65
C MET A 82 17.72 -0.34 17.06
N ASN A 83 17.42 0.50 16.07
CA ASN A 83 16.91 1.84 16.31
C ASN A 83 15.58 1.86 17.07
N MET A 84 14.64 1.02 16.65
CA MET A 84 13.35 0.97 17.32
C MET A 84 13.47 0.47 18.76
N LEU A 85 14.28 -0.56 18.96
CA LEU A 85 14.46 -1.10 20.32
C LEU A 85 15.14 -0.06 21.23
N LYS A 86 16.19 0.59 20.72
CA LYS A 86 16.87 1.61 21.52
C LYS A 86 15.91 2.72 21.91
N SER A 87 15.16 3.20 20.92
CA SER A 87 14.21 4.29 21.12
C SER A 87 13.01 3.91 21.98
N SER A 88 12.87 2.63 22.32
CA SER A 88 11.75 2.19 23.14
C SER A 88 11.98 2.51 24.60
N PHE A 89 13.25 2.75 24.96
CA PHE A 89 13.63 3.06 26.35
C PHE A 89 13.39 1.84 27.23
N ALA A 90 13.23 0.68 26.62
CA ALA A 90 12.97 -0.54 27.38
C ALA A 90 14.09 -1.58 27.38
N THR A 91 15.17 -1.30 26.67
CA THR A 91 16.27 -2.26 26.58
C THR A 91 17.62 -1.72 27.07
N CYS A 92 18.55 -2.63 27.35
CA CYS A 92 19.88 -2.24 27.81
C CYS A 92 21.00 -2.98 27.08
N VAL A 93 20.69 -4.19 26.59
CA VAL A 93 21.67 -5.01 25.87
C VAL A 93 20.99 -5.61 24.64
N LEU A 94 21.60 -5.43 23.47
CA LEU A 94 21.04 -5.94 22.23
C LEU A 94 22.03 -6.84 21.47
N VAL A 95 21.65 -8.10 21.26
CA VAL A 95 22.50 -9.03 20.53
C VAL A 95 21.87 -9.37 19.18
N SER A 96 22.63 -9.14 18.12
CA SER A 96 22.18 -9.42 16.76
C SER A 96 23.29 -10.16 16.01
N GLU A 97 23.02 -10.83 14.90
CA GLU A 97 24.14 -11.49 14.23
C GLU A 97 25.06 -10.43 13.60
N GLU A 98 24.48 -9.28 13.27
CA GLU A 98 25.22 -8.21 12.62
C GLU A 98 26.50 -7.80 13.35
N ASP A 99 26.37 -7.48 14.64
CA ASP A 99 27.52 -7.05 15.40
C ASP A 99 28.13 -8.17 16.24
N LYS A 100 29.41 -8.37 16.00
CA LYS A 100 30.19 -9.36 16.73
C LYS A 100 30.01 -9.22 18.24
N HIS A 101 29.94 -7.98 18.72
CA HIS A 101 29.78 -7.72 20.15
C HIS A 101 28.36 -7.29 20.49
N ALA A 102 27.97 -7.49 21.73
CA ALA A 102 26.64 -7.11 22.17
C ALA A 102 26.58 -5.58 22.18
N ILE A 103 25.43 -5.03 21.80
CA ILE A 103 25.30 -3.58 21.80
C ILE A 103 24.75 -3.16 23.15
N ILE A 104 25.42 -2.18 23.76
CA ILE A 104 25.01 -1.68 25.06
C ILE A 104 24.28 -0.34 24.83
N VAL A 105 23.02 -0.29 25.25
CA VAL A 105 22.22 0.92 25.07
C VAL A 105 22.78 2.05 25.94
N GLU A 106 22.82 3.26 25.38
CA GLU A 106 23.32 4.42 26.10
C GLU A 106 22.47 4.60 27.36
N PRO A 107 23.09 5.03 28.47
CA PRO A 107 22.40 5.24 29.74
C PRO A 107 21.07 5.97 29.72
N GLU A 108 20.95 7.03 28.94
CA GLU A 108 19.73 7.82 28.86
C GLU A 108 18.54 7.14 28.16
N LYS A 109 18.75 5.94 27.62
CA LYS A 109 17.66 5.25 26.94
C LYS A 109 17.52 3.81 27.42
N ARG A 110 18.19 3.49 28.53
CA ARG A 110 18.14 2.15 29.07
C ARG A 110 16.85 1.72 29.74
N GLY A 111 16.47 0.48 29.45
CA GLY A 111 15.28 -0.12 30.03
C GLY A 111 15.75 -1.42 30.65
N LYS A 112 14.85 -2.18 31.26
CA LYS A 112 15.25 -3.43 31.92
C LYS A 112 15.31 -4.70 31.07
N TYR A 113 15.06 -4.61 29.77
CA TYR A 113 15.08 -5.81 28.94
C TYR A 113 16.30 -6.03 28.05
N VAL A 114 16.57 -7.30 27.78
CA VAL A 114 17.67 -7.73 26.93
C VAL A 114 17.03 -8.39 25.73
N VAL A 115 17.45 -8.01 24.52
CA VAL A 115 16.88 -8.60 23.34
C VAL A 115 17.91 -9.24 22.41
N CYS A 116 17.67 -10.48 22.04
CA CYS A 116 18.54 -11.21 21.12
C CYS A 116 17.70 -11.39 19.88
N PHE A 117 18.23 -11.02 18.73
CA PHE A 117 17.45 -11.14 17.51
C PHE A 117 18.26 -11.38 16.24
N ASP A 118 17.55 -11.87 15.23
CA ASP A 118 18.10 -12.12 13.90
C ASP A 118 17.24 -11.18 13.05
N PRO A 119 17.76 -10.01 12.68
CA PRO A 119 17.02 -9.03 11.88
C PRO A 119 16.39 -9.55 10.60
N LEU A 120 17.13 -10.35 9.84
CA LEU A 120 16.58 -10.90 8.60
C LEU A 120 17.11 -12.30 8.32
N ASP A 121 16.45 -13.28 8.92
CA ASP A 121 16.82 -14.69 8.77
C ASP A 121 16.57 -15.18 7.36
N GLY A 122 17.55 -15.86 6.80
CA GLY A 122 17.42 -16.40 5.45
C GLY A 122 17.76 -15.42 4.35
N SER A 123 18.31 -14.26 4.70
CA SER A 123 18.67 -13.26 3.70
C SER A 123 19.80 -13.69 2.78
N SER A 124 20.58 -14.68 3.20
CA SER A 124 21.70 -15.21 2.41
C SER A 124 21.26 -15.58 0.98
N ASN A 125 20.09 -16.20 0.86
CA ASN A 125 19.55 -16.59 -0.45
C ASN A 125 18.27 -15.81 -0.72
N ILE A 126 18.32 -14.49 -0.55
CA ILE A 126 17.15 -13.65 -0.73
C ILE A 126 16.81 -13.26 -2.18
N ASP A 127 17.78 -13.40 -3.08
CA ASP A 127 17.59 -13.05 -4.48
C ASP A 127 16.56 -13.94 -5.17
N CYS A 128 16.33 -15.11 -4.60
CA CYS A 128 15.36 -16.05 -5.17
C CYS A 128 13.96 -15.79 -4.62
N LEU A 129 13.82 -14.72 -3.85
CA LEU A 129 12.54 -14.35 -3.26
C LEU A 129 12.03 -15.40 -2.28
N VAL A 130 12.95 -16.17 -1.71
CA VAL A 130 12.58 -17.18 -0.73
C VAL A 130 12.04 -16.44 0.49
N SER A 131 11.15 -17.08 1.24
CA SER A 131 10.60 -16.46 2.43
C SER A 131 11.73 -16.09 3.40
N VAL A 132 11.60 -14.94 4.04
CA VAL A 132 12.58 -14.50 5.01
C VAL A 132 11.82 -14.09 6.27
N GLY A 133 12.52 -13.81 7.35
CA GLY A 133 11.83 -13.41 8.56
C GLY A 133 12.70 -12.78 9.63
N THR A 134 12.07 -12.37 10.71
CA THR A 134 12.77 -11.76 11.82
C THR A 134 12.50 -12.62 13.05
N ILE A 135 13.56 -12.97 13.78
CA ILE A 135 13.43 -13.80 14.98
C ILE A 135 13.87 -12.99 16.19
N PHE A 136 13.19 -13.16 17.31
CA PHE A 136 13.54 -12.40 18.51
C PHE A 136 13.27 -13.14 19.82
N GLY A 137 14.09 -12.82 20.82
CA GLY A 137 13.96 -13.42 22.13
C GLY A 137 14.20 -12.31 23.14
N ILE A 138 13.30 -12.18 24.11
CA ILE A 138 13.41 -11.12 25.11
C ILE A 138 13.60 -11.63 26.54
N TYR A 139 14.63 -11.12 27.21
CA TYR A 139 14.96 -11.50 28.58
C TYR A 139 14.95 -10.26 29.47
N ARG A 140 14.69 -10.48 30.75
CA ARG A 140 14.71 -9.40 31.72
C ARG A 140 16.13 -9.40 32.27
N LYS A 141 16.77 -8.24 32.34
CA LYS A 141 18.12 -8.15 32.87
C LYS A 141 18.11 -8.69 34.29
N LYS A 142 19.03 -9.59 34.63
CA LYS A 142 19.08 -10.17 35.98
C LYS A 142 20.11 -9.47 36.86
N SER A 143 21.30 -9.25 36.33
CA SER A 143 22.37 -8.60 37.06
C SER A 143 21.93 -7.24 37.63
N THR A 144 22.73 -6.70 38.54
CA THR A 144 22.48 -5.39 39.14
C THR A 144 23.64 -4.51 38.69
N ASP A 145 24.62 -5.14 38.06
CA ASP A 145 25.82 -4.47 37.56
C ASP A 145 25.51 -3.62 36.33
N GLU A 146 26.56 -3.12 35.69
CA GLU A 146 26.41 -2.31 34.49
C GLU A 146 26.12 -3.27 33.33
N PRO A 147 25.18 -2.89 32.45
CA PRO A 147 24.84 -3.75 31.31
C PRO A 147 26.04 -4.18 30.46
N SER A 148 26.10 -5.48 30.17
CA SER A 148 27.18 -6.03 29.36
C SER A 148 26.70 -7.24 28.59
N GLU A 149 27.58 -7.79 27.78
CA GLU A 149 27.29 -8.97 26.96
C GLU A 149 26.80 -10.12 27.82
N LYS A 150 27.31 -10.19 29.04
CA LYS A 150 26.97 -11.25 29.98
C LYS A 150 25.47 -11.34 30.28
N ASP A 151 24.77 -10.22 30.20
CA ASP A 151 23.34 -10.22 30.47
C ASP A 151 22.53 -10.97 29.41
N ALA A 152 23.14 -11.24 28.27
CA ALA A 152 22.47 -11.97 27.19
C ALA A 152 22.77 -13.47 27.28
N LEU A 153 23.63 -13.84 28.23
CA LEU A 153 24.00 -15.25 28.40
C LEU A 153 23.08 -15.97 29.39
N GLN A 154 21.79 -15.98 29.10
CA GLN A 154 20.81 -16.64 29.96
C GLN A 154 20.23 -17.81 29.20
N PRO A 155 19.84 -18.89 29.90
CA PRO A 155 19.25 -20.04 29.21
C PRO A 155 17.88 -19.63 28.66
N GLY A 156 17.48 -20.22 27.54
CA GLY A 156 16.21 -19.90 26.94
C GLY A 156 15.03 -20.06 27.89
N ARG A 157 15.25 -20.86 28.94
CA ARG A 157 14.21 -21.12 29.94
C ARG A 157 13.78 -19.83 30.63
N ASN A 158 14.66 -18.83 30.61
CA ASN A 158 14.39 -17.54 31.24
C ASN A 158 13.64 -16.53 30.37
N LEU A 159 13.36 -16.88 29.12
CA LEU A 159 12.66 -15.97 28.21
C LEU A 159 11.31 -15.48 28.75
N VAL A 160 11.02 -14.20 28.56
CA VAL A 160 9.74 -13.64 28.99
C VAL A 160 8.82 -13.57 27.77
N ALA A 161 9.43 -13.44 26.60
CA ALA A 161 8.68 -13.36 25.34
C ALA A 161 9.62 -13.70 24.18
N ALA A 162 9.06 -14.30 23.14
CA ALA A 162 9.86 -14.67 21.98
C ALA A 162 8.94 -14.95 20.80
N GLY A 163 9.50 -14.95 19.61
CA GLY A 163 8.70 -15.20 18.43
C GLY A 163 9.42 -14.83 17.16
N TYR A 164 8.65 -14.60 16.11
CA TYR A 164 9.22 -14.25 14.83
C TYR A 164 8.17 -13.64 13.93
N ALA A 165 8.64 -12.97 12.89
CA ALA A 165 7.77 -12.38 11.89
C ALA A 165 8.20 -13.09 10.62
N LEU A 166 7.24 -13.67 9.91
CA LEU A 166 7.52 -14.37 8.67
C LEU A 166 7.06 -13.51 7.49
N TYR A 167 7.98 -13.21 6.59
CA TYR A 167 7.63 -12.42 5.42
C TYR A 167 7.51 -13.41 4.27
N GLY A 168 6.39 -14.12 4.23
CA GLY A 168 6.16 -15.10 3.18
C GLY A 168 5.08 -14.63 2.21
N SER A 169 4.15 -15.50 1.84
CA SER A 169 3.08 -15.12 0.93
C SER A 169 2.41 -13.90 1.54
N ALA A 170 2.33 -13.90 2.87
CA ALA A 170 1.77 -12.78 3.61
C ALA A 170 2.70 -12.61 4.81
N THR A 171 2.57 -11.50 5.54
CA THR A 171 3.41 -11.30 6.70
C THR A 171 2.66 -11.62 7.97
N MET A 172 3.26 -12.49 8.79
CA MET A 172 2.64 -12.86 10.05
C MET A 172 3.62 -12.76 11.21
N LEU A 173 3.11 -12.33 12.35
CA LEU A 173 3.93 -12.21 13.55
C LEU A 173 3.43 -13.24 14.55
N VAL A 174 4.34 -14.13 14.97
CA VAL A 174 4.03 -15.16 15.95
C VAL A 174 4.66 -14.74 17.27
N LEU A 175 3.83 -14.52 18.28
CA LEU A 175 4.31 -14.10 19.59
C LEU A 175 3.99 -15.13 20.67
N ALA A 176 5.04 -15.57 21.35
CA ALA A 176 4.90 -16.56 22.41
C ALA A 176 5.29 -15.94 23.74
N MET A 177 4.47 -16.19 24.76
CA MET A 177 4.70 -15.70 26.11
C MET A 177 4.06 -16.73 27.04
N ASP A 178 4.07 -16.47 28.35
CA ASP A 178 3.47 -17.39 29.30
C ASP A 178 2.03 -17.76 28.96
N CYS A 179 1.26 -16.79 28.47
CA CYS A 179 -0.14 -17.00 28.12
C CYS A 179 -0.34 -17.91 26.91
N GLY A 180 0.75 -18.25 26.23
CA GLY A 180 0.65 -19.11 25.07
C GLY A 180 1.17 -18.49 23.79
N VAL A 181 0.83 -19.10 22.66
CA VAL A 181 1.26 -18.63 21.35
C VAL A 181 0.12 -18.02 20.57
N ASN A 182 0.33 -16.81 20.06
CA ASN A 182 -0.69 -16.12 19.29
C ASN A 182 -0.14 -15.62 17.95
N CYS A 183 -0.93 -15.84 16.90
CA CYS A 183 -0.55 -15.46 15.54
C CYS A 183 -1.33 -14.28 15.01
N PHE A 184 -0.60 -13.28 14.51
CA PHE A 184 -1.19 -12.06 13.99
C PHE A 184 -0.81 -11.86 12.51
N MET A 185 -1.80 -11.56 11.68
CA MET A 185 -1.58 -11.35 10.26
C MET A 185 -1.49 -9.86 9.99
N LEU A 186 -0.46 -9.44 9.25
CA LEU A 186 -0.30 -8.03 8.92
C LEU A 186 -1.22 -7.65 7.75
N ASP A 187 -2.12 -6.71 7.98
CA ASP A 187 -3.02 -6.24 6.94
C ASP A 187 -2.33 -5.01 6.34
N PRO A 188 -1.73 -5.16 5.15
CA PRO A 188 -1.03 -4.06 4.49
C PRO A 188 -1.89 -2.83 4.17
N ALA A 189 -3.20 -3.00 4.08
CA ALA A 189 -4.09 -1.89 3.78
C ALA A 189 -4.10 -0.87 4.92
N ILE A 190 -3.95 -1.35 6.16
CA ILE A 190 -3.98 -0.45 7.31
C ILE A 190 -2.77 -0.56 8.22
N GLY A 191 -1.80 -1.38 7.84
CA GLY A 191 -0.62 -1.55 8.67
C GLY A 191 -0.96 -1.97 10.08
N GLU A 192 -1.81 -2.98 10.21
CA GLU A 192 -2.23 -3.50 11.51
C GLU A 192 -2.08 -5.03 11.57
N PHE A 193 -1.53 -5.51 12.68
CA PHE A 193 -1.40 -6.95 12.88
C PHE A 193 -2.69 -7.45 13.51
N ILE A 194 -3.42 -8.27 12.76
CA ILE A 194 -4.71 -8.80 13.20
C ILE A 194 -4.56 -10.20 13.78
N LEU A 195 -5.07 -10.40 15.00
CA LEU A 195 -5.00 -11.71 15.64
C LEU A 195 -5.91 -12.68 14.89
N VAL A 196 -5.32 -13.71 14.29
CA VAL A 196 -6.10 -14.68 13.53
C VAL A 196 -6.09 -16.11 14.09
N ASP A 197 -5.14 -16.38 14.99
CA ASP A 197 -5.05 -17.70 15.63
C ASP A 197 -4.63 -17.53 17.09
N LYS A 198 -5.54 -17.87 18.00
CA LYS A 198 -5.32 -17.73 19.44
C LYS A 198 -4.84 -18.99 20.14
N ASP A 199 -3.97 -18.81 21.13
CA ASP A 199 -3.44 -19.91 21.94
C ASP A 199 -3.22 -21.15 21.09
N VAL A 200 -2.34 -21.02 20.11
CA VAL A 200 -2.02 -22.09 19.17
C VAL A 200 -1.25 -23.26 19.79
N LYS A 201 -1.63 -24.46 19.37
CA LYS A 201 -1.00 -25.69 19.83
C LYS A 201 -0.64 -26.51 18.60
N ILE A 202 0.56 -27.08 18.60
CA ILE A 202 1.03 -27.89 17.48
C ILE A 202 0.44 -29.29 17.54
N LYS A 203 0.29 -29.93 16.39
CA LYS A 203 -0.25 -31.28 16.37
C LYS A 203 0.67 -32.24 17.11
N LYS A 204 0.06 -33.22 17.77
CA LYS A 204 0.82 -34.21 18.54
C LYS A 204 1.82 -34.92 17.65
N LYS A 205 1.43 -35.20 16.42
CA LYS A 205 2.29 -35.88 15.46
C LYS A 205 2.00 -35.40 14.05
N GLY A 206 3.06 -35.19 13.26
CA GLY A 206 2.90 -34.71 11.90
C GLY A 206 3.28 -35.74 10.84
N LYS A 207 3.35 -35.30 9.59
CA LYS A 207 3.70 -36.19 8.47
C LYS A 207 4.73 -35.56 7.55
N ILE A 208 5.52 -34.63 8.08
CA ILE A 208 6.54 -33.98 7.28
C ILE A 208 7.84 -33.85 8.06
N TYR A 209 8.96 -34.12 7.40
CA TYR A 209 10.27 -33.98 8.04
C TYR A 209 11.00 -32.90 7.24
N SER A 210 11.79 -32.09 7.93
CA SER A 210 12.49 -30.99 7.28
C SER A 210 13.94 -30.84 7.70
N LEU A 211 14.85 -30.98 6.74
CA LEU A 211 16.29 -30.83 6.98
C LEU A 211 16.99 -30.84 5.63
N ASN A 212 18.20 -30.30 5.59
CA ASN A 212 18.99 -30.27 4.36
C ASN A 212 19.63 -31.65 4.18
N GLU A 213 19.03 -32.48 3.33
CA GLU A 213 19.53 -33.82 3.08
C GLU A 213 20.81 -33.82 2.26
N GLY A 214 21.26 -32.63 1.85
CA GLY A 214 22.50 -32.54 1.09
C GLY A 214 23.68 -32.85 1.98
N TYR A 215 23.46 -32.82 3.29
CA TYR A 215 24.52 -33.11 4.25
C TYR A 215 24.57 -34.60 4.57
N ALA A 216 23.73 -35.38 3.90
CA ALA A 216 23.64 -36.83 4.13
C ALA A 216 24.96 -37.53 4.41
N LYS A 217 25.95 -37.29 3.55
CA LYS A 217 27.26 -37.91 3.71
C LYS A 217 27.88 -37.67 5.08
N ASP A 218 27.62 -36.49 5.65
CA ASP A 218 28.19 -36.16 6.95
C ASP A 218 27.24 -36.31 8.12
N PHE A 219 26.05 -36.87 7.87
CA PHE A 219 25.05 -37.08 8.91
C PHE A 219 25.55 -37.94 10.06
N ASP A 220 25.03 -37.67 11.24
CA ASP A 220 25.34 -38.43 12.43
C ASP A 220 24.54 -39.72 12.20
N PRO A 221 25.01 -40.87 12.72
CA PRO A 221 24.28 -42.12 12.53
C PRO A 221 22.80 -42.08 12.95
N ALA A 222 22.52 -41.38 14.04
CA ALA A 222 21.15 -41.28 14.54
C ALA A 222 20.25 -40.54 13.56
N VAL A 223 20.77 -39.48 12.96
CA VAL A 223 20.00 -38.70 12.01
C VAL A 223 19.74 -39.54 10.76
N THR A 224 20.77 -40.26 10.31
CA THR A 224 20.66 -41.11 9.14
C THR A 224 19.55 -42.15 9.33
N GLU A 225 19.54 -42.80 10.50
CA GLU A 225 18.53 -43.82 10.78
C GLU A 225 17.13 -43.22 10.89
N TYR A 226 17.01 -42.11 11.61
CA TYR A 226 15.71 -41.48 11.78
C TYR A 226 15.08 -41.11 10.44
N ILE A 227 15.86 -40.49 9.56
CA ILE A 227 15.36 -40.09 8.25
C ILE A 227 14.96 -41.34 7.47
N GLN A 228 15.78 -42.38 7.59
CA GLN A 228 15.52 -43.64 6.92
C GLN A 228 14.13 -44.16 7.33
N ARG A 229 13.78 -43.96 8.60
CA ARG A 229 12.49 -44.40 9.13
C ARG A 229 11.34 -43.56 8.57
N LYS A 230 11.63 -42.32 8.20
CA LYS A 230 10.61 -41.43 7.66
C LYS A 230 10.29 -41.79 6.21
N LYS A 231 11.31 -42.27 5.49
CA LYS A 231 11.16 -42.64 4.09
C LYS A 231 10.75 -44.11 3.92
N PHE A 232 11.22 -44.97 4.83
CA PHE A 232 10.89 -46.40 4.78
C PHE A 232 10.39 -46.83 6.15
N PRO A 233 9.14 -46.47 6.50
CA PRO A 233 8.59 -46.84 7.80
C PRO A 233 8.80 -48.31 8.16
N PRO A 234 9.16 -48.58 9.42
CA PRO A 234 9.39 -49.96 9.87
C PRO A 234 8.10 -50.78 9.77
N ASP A 235 6.99 -50.15 10.14
CA ASP A 235 5.68 -50.80 10.12
C ASP A 235 4.95 -50.54 8.80
N ASN A 236 5.72 -50.33 7.73
CA ASN A 236 5.17 -50.07 6.40
C ASN A 236 4.03 -49.05 6.38
N SER A 237 4.01 -48.13 7.34
CA SER A 237 2.99 -47.09 7.38
C SER A 237 3.31 -46.15 6.22
N ALA A 238 2.57 -45.05 6.08
CA ALA A 238 2.85 -44.13 4.99
C ALA A 238 4.09 -43.30 5.28
N PRO A 239 5.02 -43.23 4.32
CA PRO A 239 6.23 -42.44 4.56
C PRO A 239 5.90 -40.94 4.67
N TYR A 240 6.73 -40.22 5.42
CA TYR A 240 6.54 -38.79 5.61
C TYR A 240 6.90 -38.03 4.36
N GLY A 241 6.31 -36.84 4.19
CA GLY A 241 6.63 -36.02 3.04
C GLY A 241 7.83 -35.17 3.45
N ALA A 242 8.59 -34.68 2.49
CA ALA A 242 9.75 -33.85 2.80
C ALA A 242 9.55 -32.41 2.32
N ARG A 243 10.02 -31.47 3.14
CA ARG A 243 9.94 -30.05 2.81
C ARG A 243 11.15 -29.37 3.44
N TYR A 244 11.84 -28.55 2.65
CA TYR A 244 13.00 -27.82 3.16
C TYR A 244 13.18 -26.53 2.38
N VAL A 245 12.62 -25.45 2.91
CA VAL A 245 12.72 -24.14 2.27
C VAL A 245 14.13 -23.58 2.33
N GLY A 246 14.82 -23.81 3.46
CA GLY A 246 16.18 -23.30 3.58
C GLY A 246 16.21 -22.05 4.45
N SER A 247 15.04 -21.57 4.82
CA SER A 247 14.92 -20.40 5.69
C SER A 247 14.28 -20.93 6.98
N MET A 248 14.99 -20.79 8.10
CA MET A 248 14.48 -21.30 9.36
C MET A 248 13.08 -20.83 9.73
N VAL A 249 12.79 -19.54 9.59
CA VAL A 249 11.47 -19.04 9.94
C VAL A 249 10.37 -19.70 9.10
N ALA A 250 10.64 -19.92 7.82
CA ALA A 250 9.67 -20.56 6.95
C ALA A 250 9.48 -22.04 7.31
N ASP A 251 10.57 -22.76 7.51
CA ASP A 251 10.46 -24.17 7.85
C ASP A 251 9.84 -24.39 9.24
N VAL A 252 10.24 -23.56 10.20
CA VAL A 252 9.69 -23.71 11.55
C VAL A 252 8.20 -23.38 11.59
N HIS A 253 7.80 -22.33 10.87
CA HIS A 253 6.39 -21.95 10.87
C HIS A 253 5.52 -23.05 10.26
N ARG A 254 6.01 -23.69 9.19
CA ARG A 254 5.26 -24.76 8.56
C ARG A 254 5.11 -25.87 9.57
N THR A 255 6.19 -26.14 10.30
CA THR A 255 6.20 -27.18 11.31
C THR A 255 5.12 -26.89 12.36
N LEU A 256 5.00 -25.62 12.76
CA LEU A 256 4.02 -25.22 13.75
C LEU A 256 2.60 -25.38 13.21
N VAL A 257 2.38 -24.96 11.97
CA VAL A 257 1.07 -25.03 11.33
C VAL A 257 0.61 -26.44 10.95
N TYR A 258 1.48 -27.22 10.32
CA TYR A 258 1.15 -28.57 9.89
C TYR A 258 1.64 -29.67 10.80
N GLY A 259 2.55 -29.34 11.71
CA GLY A 259 3.09 -30.35 12.59
C GLY A 259 4.22 -31.04 11.87
N GLY A 260 4.93 -31.93 12.57
CA GLY A 260 6.03 -32.63 11.95
C GLY A 260 7.32 -32.34 12.67
N ILE A 261 8.43 -32.44 11.96
CA ILE A 261 9.71 -32.21 12.60
C ILE A 261 10.72 -31.45 11.73
N PHE A 262 11.52 -30.61 12.38
CA PHE A 262 12.54 -29.80 11.71
C PHE A 262 13.89 -30.12 12.32
N LEU A 263 14.90 -30.33 11.48
CA LEU A 263 16.23 -30.64 11.99
C LEU A 263 17.38 -29.87 11.35
N TYR A 264 18.29 -29.42 12.20
CA TYR A 264 19.51 -28.76 11.77
C TYR A 264 20.48 -29.26 12.82
N PRO A 265 20.82 -30.56 12.75
CA PRO A 265 21.71 -31.25 13.67
C PRO A 265 23.20 -31.00 13.50
N ALA A 266 23.94 -31.57 14.44
CA ALA A 266 25.39 -31.49 14.48
C ALA A 266 25.97 -32.71 13.77
N ASN A 267 27.29 -32.76 13.66
CA ASN A 267 27.97 -33.89 13.02
C ASN A 267 29.47 -33.73 13.14
N LYS A 268 30.23 -34.57 12.45
CA LYS A 268 31.69 -34.50 12.47
C LYS A 268 32.13 -33.08 12.14
N LYS A 269 31.65 -32.57 11.02
CA LYS A 269 31.98 -31.23 10.55
C LYS A 269 31.55 -30.14 11.53
N SER A 270 30.29 -30.19 11.95
CA SER A 270 29.74 -29.21 12.87
C SER A 270 29.27 -29.85 14.18
N PRO A 271 30.19 -30.09 15.11
CA PRO A 271 29.88 -30.71 16.41
C PRO A 271 28.83 -29.99 17.25
N ASN A 272 28.75 -28.67 17.10
CA ASN A 272 27.78 -27.90 17.87
C ASN A 272 26.65 -27.38 17.00
N GLY A 273 26.55 -27.91 15.78
CA GLY A 273 25.50 -27.48 14.88
C GLY A 273 25.89 -26.24 14.09
N LYS A 274 24.94 -25.69 13.36
CA LYS A 274 25.19 -24.51 12.54
C LYS A 274 24.38 -23.29 12.97
N LEU A 275 23.14 -23.52 13.39
CA LEU A 275 22.28 -22.43 13.84
C LEU A 275 22.76 -21.84 15.16
N ARG A 276 22.47 -20.56 15.37
CA ARG A 276 22.86 -19.82 16.58
C ARG A 276 21.87 -20.01 17.73
N LEU A 277 22.40 -20.28 18.92
CA LEU A 277 21.55 -20.50 20.09
C LEU A 277 20.73 -19.29 20.54
N LEU A 278 21.39 -18.17 20.76
CA LEU A 278 20.73 -16.96 21.24
C LEU A 278 19.58 -16.37 20.42
N TYR A 279 19.76 -16.24 19.12
CA TYR A 279 18.73 -15.62 18.29
C TYR A 279 18.08 -16.47 17.19
N GLU A 280 18.33 -17.78 17.20
CA GLU A 280 17.72 -18.67 16.23
C GLU A 280 17.07 -19.84 16.95
N CYS A 281 17.88 -20.60 17.68
CA CYS A 281 17.40 -21.78 18.40
C CYS A 281 16.48 -21.50 19.60
N ASN A 282 16.96 -20.73 20.56
CA ASN A 282 16.17 -20.44 21.75
C ASN A 282 14.77 -19.87 21.45
N PRO A 283 14.70 -18.82 20.61
CA PRO A 283 13.37 -18.27 20.31
C PRO A 283 12.40 -19.31 19.73
N MET A 284 12.86 -20.09 18.75
CA MET A 284 12.01 -21.11 18.15
C MET A 284 11.70 -22.22 19.15
N ALA A 285 12.66 -22.55 19.99
CA ALA A 285 12.44 -23.60 20.99
C ALA A 285 11.35 -23.13 21.96
N TYR A 286 11.40 -21.84 22.30
CA TYR A 286 10.43 -21.25 23.22
C TYR A 286 9.03 -21.28 22.61
N VAL A 287 8.93 -20.91 21.34
CA VAL A 287 7.64 -20.91 20.66
C VAL A 287 7.10 -22.33 20.62
N MET A 288 7.98 -23.27 20.28
CA MET A 288 7.59 -24.67 20.19
C MET A 288 7.06 -25.23 21.52
N GLU A 289 7.77 -24.98 22.62
CA GLU A 289 7.31 -25.49 23.91
C GLU A 289 6.01 -24.85 24.37
N LYS A 290 5.84 -23.55 24.12
CA LYS A 290 4.61 -22.88 24.51
C LYS A 290 3.43 -23.42 23.69
N ALA A 291 3.73 -23.97 22.53
CA ALA A 291 2.70 -24.53 21.65
C ALA A 291 2.52 -26.02 21.91
N GLY A 292 3.17 -26.52 22.98
CA GLY A 292 3.05 -27.92 23.30
C GLY A 292 3.95 -28.79 22.45
N GLY A 293 4.99 -28.18 21.88
CA GLY A 293 5.92 -28.93 21.05
C GLY A 293 7.23 -29.16 21.79
N MET A 294 8.24 -29.64 21.07
CA MET A 294 9.54 -29.90 21.69
C MET A 294 10.69 -29.36 20.83
N ALA A 295 11.83 -29.15 21.48
CA ALA A 295 13.04 -28.66 20.82
C ALA A 295 14.23 -29.16 21.64
N THR A 296 15.00 -30.07 21.06
CA THR A 296 16.16 -30.64 21.74
C THR A 296 17.43 -30.53 20.93
N THR A 297 18.57 -30.58 21.61
CA THR A 297 19.87 -30.53 20.93
C THR A 297 20.24 -31.99 20.70
N GLY A 298 19.45 -32.88 21.30
CA GLY A 298 19.70 -34.30 21.20
C GLY A 298 20.11 -34.78 22.58
N LYS A 299 20.85 -33.93 23.28
CA LYS A 299 21.35 -34.22 24.62
C LYS A 299 20.46 -33.62 25.71
N GLU A 300 19.92 -32.43 25.44
CA GLU A 300 19.06 -31.74 26.40
C GLU A 300 18.14 -30.76 25.68
N ALA A 301 17.20 -30.19 26.42
CA ALA A 301 16.28 -29.22 25.84
C ALA A 301 17.08 -27.98 25.47
N VAL A 302 16.82 -27.44 24.27
CA VAL A 302 17.50 -26.25 23.81
C VAL A 302 17.43 -25.14 24.85
N LEU A 303 16.24 -24.98 25.46
CA LEU A 303 16.00 -23.95 26.46
C LEU A 303 16.85 -24.07 27.73
N ASP A 304 17.41 -25.24 27.98
CA ASP A 304 18.22 -25.43 29.19
C ASP A 304 19.72 -25.23 28.97
N VAL A 305 20.13 -25.02 27.72
CA VAL A 305 21.53 -24.82 27.44
C VAL A 305 21.98 -23.49 28.03
N ILE A 306 23.06 -23.52 28.81
CA ILE A 306 23.57 -22.28 29.40
C ILE A 306 24.68 -21.76 28.49
N PRO A 307 24.40 -20.69 27.74
CA PRO A 307 25.39 -20.10 26.83
C PRO A 307 26.57 -19.44 27.51
N THR A 308 27.72 -19.47 26.82
CA THR A 308 28.94 -18.85 27.32
C THR A 308 29.45 -17.86 26.26
N ASP A 309 28.83 -17.88 25.08
CA ASP A 309 29.21 -17.02 23.96
C ASP A 309 27.94 -16.59 23.22
N ILE A 310 27.72 -15.28 23.06
CA ILE A 310 26.50 -14.81 22.40
C ILE A 310 26.26 -15.33 20.99
N HIS A 311 27.32 -15.75 20.31
CA HIS A 311 27.16 -16.26 18.96
C HIS A 311 27.40 -17.75 18.84
N GLN A 312 27.41 -18.47 19.97
CA GLN A 312 27.67 -19.90 19.91
C GLN A 312 26.55 -20.63 19.16
N ARG A 313 26.93 -21.72 18.51
CA ARG A 313 25.99 -22.51 17.73
C ARG A 313 25.40 -23.61 18.60
N ALA A 314 24.31 -24.20 18.12
CA ALA A 314 23.64 -25.26 18.83
C ALA A 314 22.85 -26.12 17.87
N PRO A 315 22.91 -27.45 18.06
CA PRO A 315 22.16 -28.33 17.18
C PRO A 315 20.70 -28.21 17.62
N VAL A 316 19.76 -28.47 16.72
CA VAL A 316 18.36 -28.36 17.10
C VAL A 316 17.45 -29.26 16.30
N ILE A 317 16.55 -29.93 17.02
CA ILE A 317 15.55 -30.83 16.45
C ILE A 317 14.28 -30.41 17.18
N LEU A 318 13.28 -29.92 16.44
CA LEU A 318 12.04 -29.45 17.05
C LEU A 318 10.79 -29.80 16.27
N GLY A 319 9.63 -29.58 16.89
CA GLY A 319 8.37 -29.87 16.23
C GLY A 319 7.40 -30.67 17.09
N SER A 320 6.54 -31.43 16.45
CA SER A 320 5.55 -32.24 17.16
C SER A 320 6.23 -33.13 18.21
N PRO A 321 5.65 -33.19 19.42
CA PRO A 321 6.21 -34.01 20.51
C PRO A 321 6.49 -35.46 20.12
N ASP A 322 5.51 -36.13 19.53
CA ASP A 322 5.68 -37.53 19.14
C ASP A 322 6.82 -37.71 18.14
N ASP A 323 7.03 -36.73 17.27
CA ASP A 323 8.09 -36.85 16.29
C ASP A 323 9.45 -36.62 16.93
N VAL A 324 9.56 -35.62 17.79
CA VAL A 324 10.84 -35.34 18.46
C VAL A 324 11.18 -36.52 19.38
N LEU A 325 10.18 -37.04 20.08
CA LEU A 325 10.37 -38.17 20.98
C LEU A 325 10.92 -39.35 20.18
N GLU A 326 10.36 -39.57 18.99
CA GLU A 326 10.83 -40.68 18.18
C GLU A 326 12.29 -40.47 17.80
N PHE A 327 12.65 -39.23 17.45
CA PHE A 327 14.03 -38.95 17.10
C PHE A 327 14.94 -39.25 18.28
N LEU A 328 14.54 -38.77 19.45
CA LEU A 328 15.31 -38.98 20.66
C LEU A 328 15.51 -40.47 20.96
N LYS A 329 14.53 -41.30 20.61
CA LYS A 329 14.65 -42.74 20.81
C LYS A 329 15.81 -43.25 19.97
N VAL A 330 15.85 -42.82 18.72
CA VAL A 330 16.91 -43.24 17.81
C VAL A 330 18.24 -42.69 18.31
N TYR A 331 18.25 -41.43 18.74
CA TYR A 331 19.46 -40.79 19.24
C TYR A 331 20.03 -41.60 20.40
N GLU A 332 19.17 -41.99 21.33
CA GLU A 332 19.59 -42.77 22.49
C GLU A 332 20.16 -44.12 22.06
N LYS A 333 19.58 -44.71 21.02
CA LYS A 333 20.05 -46.01 20.53
C LYS A 333 21.50 -45.91 20.07
N HIS A 334 21.90 -44.75 19.59
CA HIS A 334 23.27 -44.55 19.13
C HIS A 334 24.16 -43.90 20.18
N SER A 335 23.65 -43.77 21.40
CA SER A 335 24.42 -43.16 22.48
C SER A 335 24.73 -44.16 23.58
N ASP B 9 17.86 3.79 -17.93
CA ASP B 9 16.46 4.08 -18.35
C ASP B 9 15.50 3.02 -17.80
N VAL B 10 14.64 3.42 -16.87
CA VAL B 10 13.69 2.48 -16.29
C VAL B 10 12.74 1.94 -17.35
N ASN B 11 12.27 0.72 -17.13
CA ASN B 11 11.32 0.10 -18.06
C ASN B 11 10.29 -0.61 -17.18
N THR B 12 9.06 -0.66 -17.67
CA THR B 12 7.97 -1.31 -16.94
C THR B 12 7.44 -2.45 -17.81
N LEU B 13 6.63 -3.33 -17.21
CA LEU B 13 6.07 -4.44 -17.96
C LEU B 13 5.17 -3.90 -19.08
N THR B 14 4.39 -2.88 -18.76
CA THR B 14 3.49 -2.26 -19.73
C THR B 14 4.28 -1.70 -20.92
N ARG B 15 5.34 -0.95 -20.63
CA ARG B 15 6.16 -0.35 -21.65
C ARG B 15 6.87 -1.42 -22.50
N PHE B 16 7.46 -2.39 -21.82
CA PHE B 16 8.17 -3.49 -22.47
C PHE B 16 7.29 -4.27 -23.44
N VAL B 17 6.11 -4.67 -22.97
CA VAL B 17 5.17 -5.44 -23.79
C VAL B 17 4.64 -4.63 -24.97
N MET B 18 4.31 -3.37 -24.72
CA MET B 18 3.80 -2.50 -25.78
C MET B 18 4.84 -2.38 -26.91
N GLU B 19 6.11 -2.24 -26.53
CA GLU B 19 7.18 -2.08 -27.50
C GLU B 19 7.38 -3.35 -28.33
N GLU B 20 7.46 -4.50 -27.67
CA GLU B 20 7.62 -5.77 -28.37
C GLU B 20 6.43 -6.00 -29.30
N GLY B 21 5.23 -5.70 -28.80
CA GLY B 21 4.04 -5.87 -29.61
C GLY B 21 4.07 -4.99 -30.83
N ARG B 22 4.58 -3.77 -30.68
CA ARG B 22 4.65 -2.86 -31.81
C ARG B 22 5.59 -3.39 -32.89
N LYS B 23 6.68 -4.01 -32.49
CA LYS B 23 7.64 -4.54 -33.46
C LYS B 23 7.07 -5.73 -34.23
N ALA B 24 6.09 -6.41 -33.65
CA ALA B 24 5.47 -7.56 -34.30
C ALA B 24 4.47 -7.12 -35.38
N ARG B 25 4.09 -5.85 -35.35
CA ARG B 25 3.15 -5.31 -36.34
C ARG B 25 1.89 -6.16 -36.50
N GLY B 26 1.28 -6.53 -35.38
CA GLY B 26 0.08 -7.36 -35.42
C GLY B 26 -1.18 -6.56 -35.10
N THR B 27 -2.13 -7.22 -34.44
CA THR B 27 -3.39 -6.58 -34.09
C THR B 27 -3.35 -5.87 -32.73
N GLY B 28 -2.38 -6.26 -31.90
CA GLY B 28 -2.27 -5.66 -30.57
C GLY B 28 -2.93 -6.52 -29.51
N GLU B 29 -3.51 -7.64 -29.94
CA GLU B 29 -4.20 -8.55 -29.03
C GLU B 29 -3.33 -9.10 -27.91
N LEU B 30 -2.17 -9.66 -28.23
CA LEU B 30 -1.32 -10.23 -27.20
C LEU B 30 -0.91 -9.17 -26.18
N THR B 31 -0.77 -7.93 -26.64
CA THR B 31 -0.42 -6.82 -25.75
C THR B 31 -1.54 -6.61 -24.74
N GLN B 32 -2.78 -6.58 -25.23
CA GLN B 32 -3.95 -6.40 -24.37
C GLN B 32 -4.10 -7.60 -23.43
N LEU B 33 -3.83 -8.79 -23.95
CA LEU B 33 -3.93 -10.00 -23.15
C LEU B 33 -2.93 -9.95 -21.99
N LEU B 34 -1.69 -9.58 -22.29
CA LEU B 34 -0.66 -9.48 -21.26
C LEU B 34 -0.94 -8.36 -20.27
N ASN B 35 -1.46 -7.22 -20.76
CA ASN B 35 -1.78 -6.10 -19.89
C ASN B 35 -2.84 -6.56 -18.89
N SER B 36 -3.84 -7.25 -19.41
CA SER B 36 -4.94 -7.75 -18.58
C SER B 36 -4.45 -8.79 -17.57
N LEU B 37 -3.55 -9.66 -18.01
CA LEU B 37 -3.01 -10.69 -17.11
C LEU B 37 -2.20 -9.98 -16.01
N CYS B 38 -1.46 -8.95 -16.39
CA CYS B 38 -0.65 -8.18 -15.44
C CYS B 38 -1.54 -7.58 -14.35
N THR B 39 -2.66 -6.98 -14.75
CA THR B 39 -3.59 -6.39 -13.80
C THR B 39 -4.12 -7.46 -12.85
N ALA B 40 -4.49 -8.62 -13.39
CA ALA B 40 -4.97 -9.72 -12.58
C ALA B 40 -3.93 -10.17 -11.55
N VAL B 41 -2.67 -10.27 -12.00
CA VAL B 41 -1.60 -10.70 -11.11
C VAL B 41 -1.44 -9.73 -9.94
N LYS B 42 -1.57 -8.43 -10.20
CA LYS B 42 -1.44 -7.44 -9.13
C LYS B 42 -2.59 -7.59 -8.13
N ALA B 43 -3.77 -7.94 -8.63
CA ALA B 43 -4.93 -8.12 -7.77
C ALA B 43 -4.74 -9.38 -6.93
N ILE B 44 -4.20 -10.43 -7.54
CA ILE B 44 -3.96 -11.67 -6.82
C ILE B 44 -2.91 -11.43 -5.74
N SER B 45 -1.85 -10.71 -6.10
CA SER B 45 -0.79 -10.39 -5.15
C SER B 45 -1.35 -9.64 -3.95
N SER B 46 -2.19 -8.65 -4.22
CA SER B 46 -2.80 -7.86 -3.15
C SER B 46 -3.57 -8.76 -2.19
N ALA B 47 -4.39 -9.66 -2.72
CA ALA B 47 -5.16 -10.57 -1.89
C ALA B 47 -4.27 -11.59 -1.17
N VAL B 48 -3.23 -12.07 -1.85
CA VAL B 48 -2.33 -13.03 -1.23
C VAL B 48 -1.62 -12.40 -0.02
N ARG B 49 -1.21 -11.15 -0.14
CA ARG B 49 -0.56 -10.47 0.98
C ARG B 49 -1.59 -10.11 2.08
N LYS B 50 -2.85 -10.52 1.88
CA LYS B 50 -3.92 -10.31 2.86
C LYS B 50 -4.41 -8.89 3.11
N ALA B 51 -4.42 -8.06 2.07
CA ALA B 51 -4.91 -6.70 2.22
C ALA B 51 -6.40 -6.79 2.55
N GLY B 52 -6.84 -6.05 3.56
CA GLY B 52 -8.26 -6.09 3.92
C GLY B 52 -8.69 -7.23 4.81
N ILE B 53 -7.75 -8.07 5.22
CA ILE B 53 -8.09 -9.20 6.09
C ILE B 53 -8.74 -8.71 7.39
N ALA B 54 -8.45 -7.47 7.77
CA ALA B 54 -9.02 -6.90 8.98
C ALA B 54 -10.55 -6.91 8.92
N HIS B 55 -11.10 -6.66 7.73
CA HIS B 55 -12.55 -6.64 7.54
C HIS B 55 -13.14 -8.03 7.72
N LEU B 56 -12.35 -9.05 7.42
CA LEU B 56 -12.79 -10.43 7.56
C LEU B 56 -12.88 -10.77 9.04
N TYR B 57 -12.04 -10.14 9.86
CA TYR B 57 -12.08 -10.44 11.29
C TYR B 57 -12.88 -9.47 12.15
N GLY B 58 -13.82 -8.77 11.51
CA GLY B 58 -14.71 -7.87 12.22
C GLY B 58 -14.31 -6.47 12.63
N ILE B 59 -13.33 -5.87 11.94
CA ILE B 59 -12.90 -4.53 12.31
C ILE B 59 -14.05 -3.52 12.20
N ALA B 60 -15.00 -3.79 11.31
CA ALA B 60 -16.15 -2.90 11.11
C ALA B 60 -17.44 -3.47 11.70
N GLY B 61 -17.31 -4.51 12.52
CA GLY B 61 -18.48 -5.12 13.14
C GLY B 61 -18.95 -6.36 12.42
N LYS B 71 -14.96 -15.93 0.08
CA LYS B 71 -14.44 -16.61 -1.10
C LYS B 71 -12.96 -16.96 -0.93
N LYS B 72 -12.62 -18.23 -1.14
CA LYS B 72 -11.25 -18.73 -1.04
C LYS B 72 -10.33 -18.04 -2.04
N LEU B 73 -9.05 -17.93 -1.67
CA LEU B 73 -8.06 -17.29 -2.52
C LEU B 73 -7.90 -17.94 -3.89
N ASP B 74 -7.89 -19.27 -3.95
CA ASP B 74 -7.74 -19.94 -5.23
C ASP B 74 -8.90 -19.62 -6.15
N VAL B 75 -10.11 -19.56 -5.60
CA VAL B 75 -11.28 -19.25 -6.40
C VAL B 75 -11.24 -17.79 -6.85
N LEU B 76 -10.89 -16.89 -5.94
CA LEU B 76 -10.81 -15.47 -6.30
C LEU B 76 -9.78 -15.27 -7.39
N SER B 77 -8.63 -15.94 -7.26
CA SER B 77 -7.56 -15.81 -8.24
C SER B 77 -8.02 -16.29 -9.62
N ASN B 78 -8.73 -17.40 -9.65
CA ASN B 78 -9.23 -17.94 -10.90
C ASN B 78 -10.21 -16.93 -11.53
N ASP B 79 -11.08 -16.37 -10.69
CA ASP B 79 -12.06 -15.40 -11.17
C ASP B 79 -11.38 -14.17 -11.74
N LEU B 80 -10.32 -13.70 -11.08
CA LEU B 80 -9.60 -12.53 -11.56
C LEU B 80 -8.95 -12.78 -12.93
N VAL B 81 -8.26 -13.91 -13.06
CA VAL B 81 -7.61 -14.22 -14.35
C VAL B 81 -8.67 -14.44 -15.44
N MET B 82 -9.68 -15.26 -15.15
CA MET B 82 -10.74 -15.54 -16.12
C MET B 82 -11.41 -14.26 -16.61
N ASN B 83 -11.85 -13.42 -15.67
CA ASN B 83 -12.51 -12.18 -16.04
C ASN B 83 -11.63 -11.21 -16.80
N MET B 84 -10.41 -10.99 -16.34
CA MET B 84 -9.51 -10.08 -17.04
C MET B 84 -9.17 -10.59 -18.45
N LEU B 85 -8.94 -11.89 -18.60
CA LEU B 85 -8.62 -12.44 -19.90
C LEU B 85 -9.81 -12.32 -20.85
N LYS B 86 -10.99 -12.68 -20.36
CA LYS B 86 -12.19 -12.58 -21.19
C LYS B 86 -12.39 -11.14 -21.66
N SER B 87 -12.29 -10.19 -20.73
CA SER B 87 -12.48 -8.77 -21.04
C SER B 87 -11.37 -8.16 -21.88
N SER B 88 -10.31 -8.92 -22.14
CA SER B 88 -9.22 -8.40 -22.95
C SER B 88 -9.58 -8.44 -24.43
N PHE B 89 -10.59 -9.26 -24.77
CA PHE B 89 -11.04 -9.44 -26.15
C PHE B 89 -9.95 -10.08 -26.99
N ALA B 90 -8.98 -10.69 -26.31
CA ALA B 90 -7.85 -11.32 -27.00
C ALA B 90 -7.80 -12.85 -26.93
N THR B 91 -8.74 -13.46 -26.21
CA THR B 91 -8.73 -14.91 -26.05
C THR B 91 -10.02 -15.59 -26.52
N CYS B 92 -9.95 -16.91 -26.73
CA CYS B 92 -11.08 -17.68 -27.18
C CYS B 92 -11.26 -18.98 -26.39
N VAL B 93 -10.17 -19.50 -25.85
CA VAL B 93 -10.21 -20.73 -25.05
C VAL B 93 -9.34 -20.56 -23.81
N LEU B 94 -9.92 -20.84 -22.64
CA LEU B 94 -9.18 -20.70 -21.39
C LEU B 94 -9.18 -21.97 -20.57
N VAL B 95 -7.99 -22.50 -20.28
CA VAL B 95 -7.87 -23.72 -19.49
C VAL B 95 -7.25 -23.38 -18.13
N SER B 96 -7.96 -23.76 -17.08
CA SER B 96 -7.51 -23.50 -15.73
C SER B 96 -7.55 -24.79 -14.92
N GLU B 97 -6.66 -24.88 -13.95
CA GLU B 97 -6.56 -26.04 -13.09
C GLU B 97 -7.81 -26.15 -12.23
N GLU B 98 -8.56 -25.04 -12.16
CA GLU B 98 -9.78 -24.95 -11.37
C GLU B 98 -11.04 -25.46 -12.03
N ASP B 99 -11.06 -25.47 -13.35
CA ASP B 99 -12.25 -25.90 -14.07
C ASP B 99 -12.06 -27.18 -14.87
N LYS B 100 -12.91 -28.17 -14.60
CA LYS B 100 -12.82 -29.44 -15.29
C LYS B 100 -12.79 -29.33 -16.81
N HIS B 101 -13.67 -28.49 -17.35
CA HIS B 101 -13.75 -28.29 -18.80
C HIS B 101 -13.12 -26.97 -19.21
N ALA B 102 -12.68 -26.90 -20.46
CA ALA B 102 -12.10 -25.67 -20.98
C ALA B 102 -13.19 -24.61 -21.03
N ILE B 103 -12.83 -23.37 -20.73
CA ILE B 103 -13.81 -22.29 -20.78
C ILE B 103 -13.77 -21.68 -22.18
N ILE B 104 -14.94 -21.55 -22.79
CA ILE B 104 -15.03 -20.98 -24.12
C ILE B 104 -15.54 -19.56 -24.00
N VAL B 105 -14.75 -18.60 -24.47
CA VAL B 105 -15.11 -17.18 -24.40
C VAL B 105 -16.32 -16.90 -25.28
N GLU B 106 -17.25 -16.10 -24.78
CA GLU B 106 -18.44 -15.80 -25.58
C GLU B 106 -18.00 -15.07 -26.85
N PRO B 107 -18.73 -15.30 -27.96
CA PRO B 107 -18.46 -14.70 -29.26
C PRO B 107 -18.07 -13.23 -29.31
N GLU B 108 -18.81 -12.40 -28.57
CA GLU B 108 -18.54 -10.97 -28.61
C GLU B 108 -17.27 -10.49 -27.89
N LYS B 109 -16.52 -11.40 -27.28
CA LYS B 109 -15.30 -11.03 -26.59
C LYS B 109 -14.12 -11.90 -27.00
N ARG B 110 -14.30 -12.66 -28.09
CA ARG B 110 -13.27 -13.56 -28.56
C ARG B 110 -12.10 -12.93 -29.27
N GLY B 111 -10.91 -13.45 -28.95
CA GLY B 111 -9.67 -13.00 -29.55
C GLY B 111 -9.00 -14.26 -30.08
N LYS B 112 -7.83 -14.12 -30.69
CA LYS B 112 -7.16 -15.29 -31.27
C LYS B 112 -6.26 -16.14 -30.37
N TYR B 113 -6.17 -15.81 -29.08
CA TYR B 113 -5.29 -16.57 -28.20
C TYR B 113 -5.96 -17.56 -27.25
N VAL B 114 -5.19 -18.60 -26.92
CA VAL B 114 -5.62 -19.65 -26.01
C VAL B 114 -4.69 -19.56 -24.80
N VAL B 115 -5.27 -19.54 -23.60
CA VAL B 115 -4.46 -19.44 -22.40
C VAL B 115 -4.70 -20.58 -21.41
N CYS B 116 -3.61 -21.22 -21.00
CA CYS B 116 -3.68 -22.30 -20.03
C CYS B 116 -2.97 -21.72 -18.81
N PHE B 117 -3.62 -21.80 -17.65
CA PHE B 117 -2.99 -21.25 -16.46
C PHE B 117 -3.38 -21.93 -15.15
N ASP B 118 -2.57 -21.68 -14.14
CA ASP B 118 -2.80 -22.17 -12.80
C ASP B 118 -2.89 -20.86 -12.01
N PRO B 119 -4.12 -20.45 -11.66
CA PRO B 119 -4.41 -19.22 -10.92
C PRO B 119 -3.58 -18.99 -9.67
N LEU B 120 -3.47 -20.04 -8.85
CA LEU B 120 -2.71 -19.92 -7.61
C LEU B 120 -2.04 -21.23 -7.23
N ASP B 121 -0.86 -21.42 -7.82
CA ASP B 121 -0.02 -22.59 -7.61
C ASP B 121 0.50 -22.66 -6.17
N GLY B 122 0.33 -23.83 -5.54
CA GLY B 122 0.80 -24.02 -4.18
C GLY B 122 -0.17 -23.57 -3.11
N SER B 123 -1.39 -23.22 -3.51
CA SER B 123 -2.39 -22.76 -2.56
C SER B 123 -2.84 -23.84 -1.57
N SER B 124 -2.62 -25.10 -1.90
CA SER B 124 -3.02 -26.21 -1.03
C SER B 124 -2.39 -26.09 0.36
N ASN B 125 -1.13 -25.69 0.40
CA ASN B 125 -0.38 -25.53 1.66
C ASN B 125 -0.18 -24.05 2.02
N ILE B 126 -1.00 -23.18 1.42
CA ILE B 126 -0.89 -21.74 1.67
C ILE B 126 -1.11 -21.30 3.12
N ASP B 127 -1.74 -22.16 3.92
CA ASP B 127 -2.01 -21.84 5.32
C ASP B 127 -0.72 -21.59 6.11
N CYS B 128 0.38 -22.16 5.63
CA CYS B 128 1.68 -21.97 6.27
C CYS B 128 2.43 -20.79 5.66
N LEU B 129 1.73 -20.01 4.85
CA LEU B 129 2.30 -18.82 4.20
C LEU B 129 3.44 -19.17 3.25
N VAL B 130 3.43 -20.39 2.73
CA VAL B 130 4.44 -20.82 1.78
C VAL B 130 4.26 -19.98 0.52
N SER B 131 5.35 -19.76 -0.22
CA SER B 131 5.25 -18.98 -1.44
C SER B 131 4.26 -19.64 -2.39
N VAL B 132 3.50 -18.83 -3.10
CA VAL B 132 2.53 -19.32 -4.07
C VAL B 132 2.73 -18.51 -5.34
N GLY B 133 2.08 -18.91 -6.43
CA GLY B 133 2.25 -18.17 -7.66
C GLY B 133 1.21 -18.45 -8.72
N THR B 134 1.33 -17.74 -9.84
CA THR B 134 0.43 -17.91 -10.97
C THR B 134 1.28 -18.34 -12.17
N ILE B 135 0.86 -19.39 -12.86
CA ILE B 135 1.60 -19.88 -14.01
C ILE B 135 0.71 -19.75 -15.25
N PHE B 136 1.29 -19.36 -16.38
CA PHE B 136 0.51 -19.20 -17.59
C PHE B 136 1.27 -19.56 -18.86
N GLY B 137 0.51 -20.00 -19.87
CA GLY B 137 1.06 -20.37 -21.16
C GLY B 137 0.08 -19.87 -22.20
N ILE B 138 0.59 -19.16 -23.21
CA ILE B 138 -0.26 -18.58 -24.23
C ILE B 138 0.01 -19.12 -25.64
N TYR B 139 -1.04 -19.61 -26.29
CA TYR B 139 -0.94 -20.14 -27.65
C TYR B 139 -1.85 -19.35 -28.59
N ARG B 140 -1.52 -19.37 -29.87
CA ARG B 140 -2.30 -18.71 -30.89
C ARG B 140 -3.25 -19.80 -31.41
N LYS B 141 -4.54 -19.51 -31.50
CA LYS B 141 -5.49 -20.52 -32.01
C LYS B 141 -5.01 -20.89 -33.41
N LYS B 142 -4.82 -22.18 -33.68
CA LYS B 142 -4.32 -22.57 -34.99
C LYS B 142 -5.42 -23.00 -35.96
N SER B 143 -6.57 -23.35 -35.42
CA SER B 143 -7.69 -23.80 -36.24
C SER B 143 -8.57 -22.69 -36.77
N THR B 144 -9.45 -23.03 -37.71
CA THR B 144 -10.36 -22.07 -38.31
C THR B 144 -11.80 -22.40 -37.92
N ASP B 145 -11.97 -23.45 -37.10
CA ASP B 145 -13.30 -23.88 -36.65
C ASP B 145 -13.75 -23.18 -35.36
N GLU B 146 -14.84 -23.65 -34.74
CA GLU B 146 -15.33 -23.00 -33.53
C GLU B 146 -14.45 -23.37 -32.34
N PRO B 147 -14.15 -22.39 -31.48
CA PRO B 147 -13.30 -22.62 -30.31
C PRO B 147 -13.77 -23.79 -29.45
N SER B 148 -12.82 -24.65 -29.08
CA SER B 148 -13.12 -25.82 -28.25
C SER B 148 -11.90 -26.19 -27.44
N GLU B 149 -12.07 -27.19 -26.58
CA GLU B 149 -11.00 -27.68 -25.73
C GLU B 149 -9.80 -28.15 -26.56
N LYS B 150 -10.08 -28.62 -27.77
CA LYS B 150 -9.03 -29.10 -28.67
C LYS B 150 -7.98 -28.03 -29.01
N ASP B 151 -8.37 -26.75 -29.00
CA ASP B 151 -7.41 -25.70 -29.32
C ASP B 151 -6.33 -25.55 -28.26
N ALA B 152 -6.55 -26.12 -27.09
CA ALA B 152 -5.56 -26.05 -26.01
C ALA B 152 -4.64 -27.27 -26.03
N LEU B 153 -4.90 -28.20 -26.95
CA LEU B 153 -4.07 -29.39 -27.03
C LEU B 153 -2.93 -29.22 -28.05
N GLN B 154 -2.06 -28.25 -27.79
CA GLN B 154 -0.93 -27.99 -28.66
C GLN B 154 0.33 -28.27 -27.87
N PRO B 155 1.40 -28.72 -28.54
CA PRO B 155 2.65 -28.99 -27.81
C PRO B 155 3.22 -27.67 -27.32
N GLY B 156 3.93 -27.70 -26.19
CA GLY B 156 4.52 -26.49 -25.64
C GLY B 156 5.41 -25.76 -26.62
N ARG B 157 5.90 -26.49 -27.62
CA ARG B 157 6.78 -25.93 -28.64
C ARG B 157 6.09 -24.79 -29.40
N ASN B 158 4.75 -24.78 -29.39
CA ASN B 158 3.96 -23.76 -30.08
C ASN B 158 3.69 -22.49 -29.26
N LEU B 159 4.12 -22.48 -28.00
CA LEU B 159 3.89 -21.30 -27.15
C LEU B 159 4.42 -19.99 -27.73
N VAL B 160 3.64 -18.92 -27.60
CA VAL B 160 4.05 -17.61 -28.08
C VAL B 160 4.58 -16.82 -26.88
N ALA B 161 4.07 -17.13 -25.70
CA ALA B 161 4.52 -16.48 -24.47
C ALA B 161 4.12 -17.35 -23.28
N ALA B 162 4.93 -17.28 -22.22
CA ALA B 162 4.67 -18.05 -21.03
C ALA B 162 5.48 -17.50 -19.87
N GLY B 163 5.08 -17.86 -18.66
CA GLY B 163 5.80 -17.38 -17.51
C GLY B 163 5.03 -17.63 -16.23
N TYR B 164 5.35 -16.83 -15.22
CA TYR B 164 4.70 -16.98 -13.94
C TYR B 164 4.91 -15.75 -13.08
N ALA B 165 4.09 -15.64 -12.05
CA ALA B 165 4.19 -14.56 -11.09
C ALA B 165 4.44 -15.29 -9.79
N LEU B 166 5.50 -14.92 -9.08
CA LEU B 166 5.82 -15.54 -7.80
C LEU B 166 5.48 -14.58 -6.68
N TYR B 167 4.64 -15.03 -5.77
CA TYR B 167 4.26 -14.21 -4.64
C TYR B 167 5.09 -14.72 -3.44
N GLY B 168 6.36 -14.33 -3.40
CA GLY B 168 7.25 -14.75 -2.34
C GLY B 168 7.57 -13.59 -1.42
N SER B 169 8.84 -13.46 -1.03
CA SER B 169 9.24 -12.35 -0.16
C SER B 169 8.78 -11.06 -0.84
N ALA B 170 8.85 -11.06 -2.17
CA ALA B 170 8.37 -9.94 -2.98
C ALA B 170 7.64 -10.59 -4.15
N THR B 171 6.90 -9.79 -4.91
CA THR B 171 6.20 -10.34 -6.06
C THR B 171 6.96 -10.04 -7.34
N MET B 172 7.22 -11.09 -8.12
CA MET B 172 7.94 -10.94 -9.38
C MET B 172 7.24 -11.66 -10.51
N LEU B 173 7.23 -11.03 -11.68
CA LEU B 173 6.62 -11.63 -12.85
C LEU B 173 7.74 -11.98 -13.83
N VAL B 174 7.82 -13.25 -14.19
CA VAL B 174 8.83 -13.69 -15.15
C VAL B 174 8.09 -13.97 -16.45
N LEU B 175 8.48 -13.25 -17.51
CA LEU B 175 7.86 -13.41 -18.82
C LEU B 175 8.86 -13.90 -19.86
N ALA B 176 8.51 -15.00 -20.50
CA ALA B 176 9.36 -15.58 -21.53
C ALA B 176 8.64 -15.54 -22.88
N MET B 177 9.38 -15.14 -23.90
CA MET B 177 8.87 -15.04 -25.27
C MET B 177 10.08 -15.27 -26.16
N ASP B 178 9.89 -15.15 -27.47
CA ASP B 178 10.99 -15.34 -28.41
C ASP B 178 12.21 -14.48 -28.11
N CYS B 179 11.98 -13.24 -27.67
CA CYS B 179 13.07 -12.32 -27.37
C CYS B 179 13.86 -12.71 -26.12
N GLY B 180 13.39 -13.72 -25.40
CA GLY B 180 14.09 -14.14 -24.20
C GLY B 180 13.26 -14.10 -22.93
N VAL B 181 13.95 -14.19 -21.79
CA VAL B 181 13.31 -14.16 -20.48
C VAL B 181 13.57 -12.85 -19.75
N ASN B 182 12.53 -12.19 -19.28
CA ASN B 182 12.67 -10.94 -18.56
C ASN B 182 11.92 -10.96 -17.25
N CYS B 183 12.58 -10.46 -16.19
CA CYS B 183 12.02 -10.46 -14.85
C CYS B 183 11.63 -9.07 -14.37
N PHE B 184 10.40 -8.95 -13.90
CA PHE B 184 9.87 -7.68 -13.41
C PHE B 184 9.46 -7.76 -11.94
N MET B 185 9.88 -6.80 -11.15
CA MET B 185 9.54 -6.77 -9.73
C MET B 185 8.35 -5.85 -9.52
N LEU B 186 7.36 -6.32 -8.76
CA LEU B 186 6.19 -5.49 -8.48
C LEU B 186 6.50 -4.50 -7.36
N ASP B 187 6.37 -3.21 -7.65
CA ASP B 187 6.60 -2.17 -6.65
C ASP B 187 5.22 -1.85 -6.07
N PRO B 188 4.93 -2.35 -4.86
CA PRO B 188 3.65 -2.14 -4.17
C PRO B 188 3.27 -0.67 -3.98
N ALA B 189 4.27 0.20 -3.90
CA ALA B 189 4.00 1.63 -3.70
C ALA B 189 3.26 2.25 -4.87
N ILE B 190 3.53 1.78 -6.08
CA ILE B 190 2.88 2.32 -7.27
C ILE B 190 2.18 1.28 -8.14
N GLY B 191 2.14 0.04 -7.68
CA GLY B 191 1.49 -1.01 -8.47
C GLY B 191 2.04 -1.09 -9.88
N GLU B 192 3.37 -1.11 -9.99
CA GLU B 192 4.04 -1.18 -11.27
C GLU B 192 5.11 -2.28 -11.29
N PHE B 193 5.12 -3.07 -12.36
CA PHE B 193 6.11 -4.13 -12.52
C PHE B 193 7.35 -3.51 -13.17
N ILE B 194 8.43 -3.45 -12.41
CA ILE B 194 9.68 -2.87 -12.87
C ILE B 194 10.65 -3.92 -13.40
N LEU B 195 11.16 -3.70 -14.61
CA LEU B 195 12.11 -4.64 -15.21
C LEU B 195 13.42 -4.56 -14.43
N VAL B 196 13.82 -5.65 -13.80
CA VAL B 196 15.05 -5.66 -13.02
C VAL B 196 16.12 -6.62 -13.53
N ASP B 197 15.72 -7.55 -14.40
CA ASP B 197 16.65 -8.53 -14.99
C ASP B 197 16.28 -8.78 -16.44
N LYS B 198 17.14 -8.36 -17.35
CA LYS B 198 16.89 -8.51 -18.78
C LYS B 198 17.56 -9.72 -19.44
N ASP B 199 16.86 -10.31 -20.39
CA ASP B 199 17.35 -11.44 -21.16
C ASP B 199 18.14 -12.40 -20.27
N VAL B 200 17.44 -12.93 -19.27
CA VAL B 200 18.01 -13.83 -18.29
C VAL B 200 18.41 -15.20 -18.84
N LYS B 201 19.57 -15.68 -18.39
CA LYS B 201 20.10 -16.98 -18.78
C LYS B 201 20.46 -17.73 -17.51
N ILE B 202 20.12 -19.00 -17.47
CA ILE B 202 20.40 -19.83 -16.30
C ILE B 202 21.85 -20.31 -16.34
N LYS B 203 22.41 -20.57 -15.17
CA LYS B 203 23.77 -21.06 -15.03
C LYS B 203 23.92 -22.40 -15.75
N LYS B 204 25.05 -22.61 -16.41
CA LYS B 204 25.33 -23.84 -17.14
C LYS B 204 25.19 -25.04 -16.20
N LYS B 205 25.67 -24.87 -14.96
CA LYS B 205 25.60 -25.93 -13.96
C LYS B 205 25.41 -25.34 -12.57
N GLY B 206 24.55 -25.97 -11.78
CA GLY B 206 24.28 -25.49 -10.44
C GLY B 206 24.80 -26.40 -9.33
N LYS B 207 24.40 -26.11 -8.10
CA LYS B 207 24.83 -26.88 -6.93
C LYS B 207 23.66 -27.21 -5.99
N ILE B 208 22.44 -27.21 -6.53
CA ILE B 208 21.26 -27.52 -5.72
C ILE B 208 20.34 -28.47 -6.48
N TYR B 209 19.81 -29.46 -5.78
CA TYR B 209 18.86 -30.38 -6.41
C TYR B 209 17.56 -30.21 -5.63
N SER B 210 16.43 -30.29 -6.33
CA SER B 210 15.15 -30.08 -5.68
C SER B 210 14.07 -31.09 -6.08
N LEU B 211 13.59 -31.86 -5.10
CA LEU B 211 12.53 -32.84 -5.30
C LEU B 211 12.07 -33.32 -3.93
N ASN B 212 10.86 -33.87 -3.88
CA ASN B 212 10.31 -34.40 -2.63
C ASN B 212 10.92 -35.78 -2.40
N GLU B 213 11.93 -35.84 -1.54
CA GLU B 213 12.60 -37.10 -1.25
C GLU B 213 11.75 -38.04 -0.39
N GLY B 214 10.57 -37.57 0.00
CA GLY B 214 9.68 -38.39 0.79
C GLY B 214 9.15 -39.54 -0.05
N TYR B 215 9.29 -39.42 -1.37
CA TYR B 215 8.84 -40.44 -2.30
C TYR B 215 9.94 -41.46 -2.56
N ALA B 216 11.07 -41.32 -1.88
CA ALA B 216 12.22 -42.20 -2.04
C ALA B 216 11.87 -43.67 -2.28
N LYS B 217 11.06 -44.22 -1.39
CA LYS B 217 10.65 -45.61 -1.49
C LYS B 217 10.08 -45.98 -2.87
N ASP B 218 9.36 -45.05 -3.49
CA ASP B 218 8.75 -45.30 -4.80
C ASP B 218 9.54 -44.75 -5.97
N PHE B 219 10.73 -44.19 -5.72
CA PHE B 219 11.54 -43.63 -6.79
C PHE B 219 11.87 -44.63 -7.89
N ASP B 220 12.02 -44.11 -9.10
CA ASP B 220 12.40 -44.90 -10.25
C ASP B 220 13.91 -45.12 -10.00
N PRO B 221 14.47 -46.25 -10.45
CA PRO B 221 15.90 -46.51 -10.24
C PRO B 221 16.82 -45.39 -10.70
N ALA B 222 16.49 -44.76 -11.83
CA ALA B 222 17.30 -43.69 -12.37
C ALA B 222 17.33 -42.47 -11.44
N VAL B 223 16.18 -42.14 -10.87
CA VAL B 223 16.09 -41.00 -9.95
C VAL B 223 16.88 -41.31 -8.68
N THR B 224 16.75 -42.54 -8.19
CA THR B 224 17.47 -42.96 -6.99
C THR B 224 18.98 -42.80 -7.18
N GLU B 225 19.49 -43.28 -8.32
CA GLU B 225 20.92 -43.18 -8.60
C GLU B 225 21.38 -41.73 -8.75
N TYR B 226 20.63 -40.96 -9.51
CA TYR B 226 20.98 -39.56 -9.73
C TYR B 226 21.10 -38.79 -8.43
N ILE B 227 20.12 -38.94 -7.55
CA ILE B 227 20.15 -38.25 -6.27
C ILE B 227 21.34 -38.74 -5.46
N GLN B 228 21.61 -40.03 -5.53
CA GLN B 228 22.73 -40.63 -4.82
C GLN B 228 24.03 -39.93 -5.25
N ARG B 229 24.11 -39.58 -6.54
CA ARG B 229 25.29 -38.91 -7.07
C ARG B 229 25.40 -37.47 -6.57
N LYS B 230 24.26 -36.86 -6.24
CA LYS B 230 24.25 -35.49 -5.75
C LYS B 230 24.72 -35.44 -4.30
N LYS B 231 24.43 -36.51 -3.55
CA LYS B 231 24.81 -36.60 -2.14
C LYS B 231 26.20 -37.21 -1.94
N PHE B 232 26.55 -38.16 -2.81
CA PHE B 232 27.86 -38.81 -2.75
C PHE B 232 28.51 -38.74 -4.14
N PRO B 233 29.06 -37.58 -4.52
CA PRO B 233 29.71 -37.27 -5.80
C PRO B 233 30.83 -38.20 -6.28
N PRO B 234 30.74 -38.66 -7.53
CA PRO B 234 31.69 -39.56 -8.19
C PRO B 234 33.04 -38.92 -8.51
N ASP B 235 33.05 -37.61 -8.72
CA ASP B 235 34.29 -36.92 -9.04
C ASP B 235 34.87 -36.24 -7.80
N ASN B 236 34.38 -36.67 -6.64
CA ASN B 236 34.79 -36.14 -5.35
C ASN B 236 34.51 -34.65 -5.15
N SER B 237 33.65 -34.09 -5.98
CA SER B 237 33.31 -32.68 -5.81
C SER B 237 32.36 -32.60 -4.62
N ALA B 238 32.18 -31.38 -4.12
CA ALA B 238 31.29 -31.12 -2.99
C ALA B 238 29.85 -31.52 -3.30
N PRO B 239 29.17 -32.13 -2.32
CA PRO B 239 27.78 -32.55 -2.51
C PRO B 239 26.87 -31.35 -2.74
N TYR B 240 25.80 -31.54 -3.50
CA TYR B 240 24.84 -30.48 -3.77
C TYR B 240 23.99 -30.21 -2.53
N GLY B 241 23.49 -28.99 -2.41
CA GLY B 241 22.62 -28.67 -1.29
C GLY B 241 21.21 -29.02 -1.71
N ALA B 242 20.32 -29.27 -0.76
CA ALA B 242 18.93 -29.60 -1.08
C ALA B 242 17.97 -28.50 -0.66
N ARG B 243 16.95 -28.28 -1.50
CA ARG B 243 15.93 -27.29 -1.23
C ARG B 243 14.64 -27.78 -1.86
N TYR B 244 13.55 -27.75 -1.09
CA TYR B 244 12.25 -28.17 -1.63
C TYR B 244 11.14 -27.44 -0.89
N VAL B 245 10.69 -26.34 -1.47
CA VAL B 245 9.64 -25.53 -0.87
C VAL B 245 8.30 -26.24 -0.93
N GLY B 246 8.03 -26.94 -2.02
CA GLY B 246 6.77 -27.64 -2.14
C GLY B 246 5.80 -26.93 -3.07
N SER B 247 6.20 -25.73 -3.50
CA SER B 247 5.41 -24.94 -4.43
C SER B 247 6.26 -24.86 -5.69
N MET B 248 5.71 -25.33 -6.80
CA MET B 248 6.46 -25.35 -8.04
C MET B 248 7.02 -23.99 -8.46
N VAL B 249 6.21 -22.93 -8.35
CA VAL B 249 6.69 -21.62 -8.75
C VAL B 249 7.91 -21.20 -7.94
N ALA B 250 7.89 -21.46 -6.65
CA ALA B 250 9.00 -21.10 -5.78
C ALA B 250 10.24 -21.93 -6.10
N ASP B 251 10.08 -23.24 -6.23
CA ASP B 251 11.21 -24.09 -6.52
C ASP B 251 11.80 -23.83 -7.90
N VAL B 252 10.94 -23.62 -8.88
CA VAL B 252 11.41 -23.38 -10.24
C VAL B 252 12.12 -22.02 -10.33
N HIS B 253 11.60 -21.00 -9.65
CA HIS B 253 12.22 -19.70 -9.70
C HIS B 253 13.61 -19.73 -9.07
N ARG B 254 13.75 -20.45 -7.96
CA ARG B 254 15.05 -20.54 -7.29
C ARG B 254 16.01 -21.22 -8.27
N THR B 255 15.51 -22.24 -8.97
CA THR B 255 16.34 -22.95 -9.95
C THR B 255 16.82 -21.98 -11.03
N LEU B 256 15.93 -21.10 -11.49
CA LEU B 256 16.27 -20.12 -12.51
C LEU B 256 17.32 -19.15 -12.00
N VAL B 257 17.11 -18.64 -10.79
CA VAL B 257 18.02 -17.67 -10.18
C VAL B 257 19.39 -18.22 -9.76
N TYR B 258 19.40 -19.36 -9.07
CA TYR B 258 20.65 -19.93 -8.61
C TYR B 258 21.17 -21.09 -9.43
N GLY B 259 20.35 -21.61 -10.34
CA GLY B 259 20.77 -22.72 -11.15
C GLY B 259 20.55 -24.00 -10.38
N GLY B 260 20.80 -25.13 -11.02
CA GLY B 260 20.60 -26.39 -10.34
C GLY B 260 19.53 -27.20 -11.05
N ILE B 261 18.87 -28.10 -10.31
CA ILE B 261 17.86 -28.92 -10.93
C ILE B 261 16.62 -29.15 -10.06
N PHE B 262 15.48 -29.25 -10.72
CA PHE B 262 14.20 -29.47 -10.06
C PHE B 262 13.57 -30.73 -10.63
N LEU B 263 13.06 -31.61 -9.77
CA LEU B 263 12.44 -32.84 -10.25
C LEU B 263 11.12 -33.20 -9.59
N TYR B 264 10.18 -33.62 -10.44
CA TYR B 264 8.89 -34.14 -9.98
C TYR B 264 8.65 -35.24 -10.99
N PRO B 265 9.41 -36.32 -10.87
CA PRO B 265 9.39 -37.52 -11.73
C PRO B 265 8.22 -38.45 -11.51
N ALA B 266 8.16 -39.46 -12.39
CA ALA B 266 7.15 -40.49 -12.35
C ALA B 266 7.74 -41.61 -11.51
N ASN B 267 6.88 -42.32 -10.79
CA ASN B 267 7.32 -43.43 -9.96
C ASN B 267 6.53 -44.68 -10.28
N LYS B 268 6.31 -45.52 -9.27
CA LYS B 268 5.56 -46.76 -9.46
C LYS B 268 4.06 -46.45 -9.61
N LYS B 269 3.52 -45.65 -8.70
CA LYS B 269 2.10 -45.31 -8.73
C LYS B 269 1.73 -44.21 -9.73
N SER B 270 2.65 -43.29 -10.00
CA SER B 270 2.39 -42.20 -10.94
C SER B 270 3.28 -42.33 -12.18
N PRO B 271 2.88 -43.20 -13.13
CA PRO B 271 3.68 -43.38 -14.34
C PRO B 271 3.80 -42.12 -15.19
N ASN B 272 2.83 -41.21 -15.06
CA ASN B 272 2.80 -39.98 -15.82
C ASN B 272 3.15 -38.77 -14.98
N GLY B 273 3.69 -39.00 -13.79
CA GLY B 273 4.04 -37.90 -12.94
C GLY B 273 2.84 -37.33 -12.20
N LYS B 274 3.05 -36.21 -11.50
CA LYS B 274 1.97 -35.59 -10.74
C LYS B 274 1.59 -34.20 -11.26
N LEU B 275 2.58 -33.42 -11.69
CA LEU B 275 2.31 -32.09 -12.19
C LEU B 275 1.57 -32.13 -13.53
N ARG B 276 0.79 -31.08 -13.79
CA ARG B 276 0.00 -30.99 -15.02
C ARG B 276 0.77 -30.38 -16.19
N LEU B 277 0.68 -31.04 -17.35
CA LEU B 277 1.38 -30.58 -18.54
C LEU B 277 1.02 -29.19 -19.06
N LEU B 278 -0.27 -28.94 -19.30
CA LEU B 278 -0.67 -27.67 -19.87
C LEU B 278 -0.42 -26.39 -19.09
N TYR B 279 -0.65 -26.39 -17.78
CA TYR B 279 -0.46 -25.18 -17.01
C TYR B 279 0.59 -25.17 -15.91
N GLU B 280 1.43 -26.21 -15.86
CA GLU B 280 2.50 -26.27 -14.87
C GLU B 280 3.81 -26.60 -15.58
N CYS B 281 3.85 -27.74 -16.26
CA CYS B 281 5.06 -28.17 -16.94
C CYS B 281 5.47 -27.39 -18.18
N ASN B 282 4.58 -27.28 -19.17
CA ASN B 282 4.90 -26.54 -20.38
C ASN B 282 5.38 -25.11 -20.14
N PRO B 283 4.64 -24.33 -19.33
CA PRO B 283 5.08 -22.95 -19.09
C PRO B 283 6.49 -22.88 -18.50
N MET B 284 6.75 -23.70 -17.49
CA MET B 284 8.07 -23.69 -16.88
C MET B 284 9.14 -24.22 -17.83
N ALA B 285 8.76 -25.20 -18.65
CA ALA B 285 9.69 -25.77 -19.62
C ALA B 285 10.06 -24.68 -20.62
N TYR B 286 9.07 -23.88 -21.01
CA TYR B 286 9.29 -22.80 -21.98
C TYR B 286 10.21 -21.73 -21.41
N VAL B 287 9.99 -21.36 -20.15
CA VAL B 287 10.83 -20.36 -19.49
C VAL B 287 12.25 -20.89 -19.45
N MET B 288 12.40 -22.14 -19.02
CA MET B 288 13.71 -22.75 -18.90
C MET B 288 14.47 -22.78 -20.23
N GLU B 289 13.83 -23.20 -21.30
CA GLU B 289 14.54 -23.26 -22.59
C GLU B 289 14.90 -21.88 -23.12
N LYS B 290 14.03 -20.89 -22.93
CA LYS B 290 14.33 -19.54 -23.38
C LYS B 290 15.50 -18.97 -22.56
N ALA B 291 15.70 -19.49 -21.37
CA ALA B 291 16.79 -19.05 -20.50
C ALA B 291 18.03 -19.90 -20.72
N GLY B 292 17.99 -20.75 -21.74
CA GLY B 292 19.13 -21.60 -22.02
C GLY B 292 19.20 -22.82 -21.12
N GLY B 293 18.07 -23.17 -20.54
CA GLY B 293 18.02 -24.32 -19.64
C GLY B 293 17.33 -25.49 -20.33
N MET B 294 17.01 -26.52 -19.57
CA MET B 294 16.35 -27.70 -20.14
C MET B 294 15.20 -28.18 -19.28
N ALA B 295 14.29 -28.94 -19.90
CA ALA B 295 13.12 -29.50 -19.24
C ALA B 295 12.74 -30.77 -19.99
N THR B 296 12.90 -31.92 -19.34
CA THR B 296 12.60 -33.20 -19.96
C THR B 296 11.67 -34.06 -19.12
N THR B 297 10.98 -34.98 -19.78
CA THR B 297 10.09 -35.90 -19.07
C THR B 297 10.95 -37.12 -18.77
N GLY B 298 12.13 -37.14 -19.36
CA GLY B 298 13.04 -38.25 -19.20
C GLY B 298 13.14 -38.95 -20.55
N LYS B 299 12.03 -38.99 -21.25
CA LYS B 299 11.97 -39.62 -22.58
C LYS B 299 12.08 -38.60 -23.70
N GLU B 300 11.53 -37.40 -23.49
CA GLU B 300 11.58 -36.36 -24.50
C GLU B 300 11.43 -34.98 -23.84
N ALA B 301 11.64 -33.93 -24.64
CA ALA B 301 11.50 -32.58 -24.13
C ALA B 301 10.04 -32.35 -23.78
N VAL B 302 9.80 -31.75 -22.62
CA VAL B 302 8.44 -31.45 -22.17
C VAL B 302 7.66 -30.71 -23.26
N LEU B 303 8.32 -29.75 -23.89
CA LEU B 303 7.68 -28.94 -24.93
C LEU B 303 7.24 -29.70 -26.18
N ASP B 304 7.75 -30.93 -26.36
CA ASP B 304 7.39 -31.72 -27.53
C ASP B 304 6.26 -32.70 -27.29
N VAL B 305 5.82 -32.83 -26.04
CA VAL B 305 4.73 -33.74 -25.73
C VAL B 305 3.44 -33.25 -26.35
N ILE B 306 2.77 -34.12 -27.10
CA ILE B 306 1.50 -33.77 -27.73
C ILE B 306 0.39 -34.18 -26.77
N PRO B 307 -0.25 -33.21 -26.11
CA PRO B 307 -1.34 -33.52 -25.17
C PRO B 307 -2.62 -34.02 -25.83
N THR B 308 -3.35 -34.87 -25.11
CA THR B 308 -4.61 -35.42 -25.59
C THR B 308 -5.70 -35.11 -24.55
N ASP B 309 -5.30 -34.59 -23.40
CA ASP B 309 -6.23 -34.24 -22.32
C ASP B 309 -5.72 -32.97 -21.64
N ILE B 310 -6.56 -31.96 -21.52
CA ILE B 310 -6.12 -30.70 -20.93
C ILE B 310 -5.58 -30.78 -19.50
N HIS B 311 -5.96 -31.82 -18.77
CA HIS B 311 -5.50 -31.98 -17.40
C HIS B 311 -4.52 -33.13 -17.23
N GLN B 312 -3.99 -33.66 -18.32
CA GLN B 312 -3.06 -34.78 -18.19
C GLN B 312 -1.79 -34.39 -17.44
N ARG B 313 -1.22 -35.36 -16.75
CA ARG B 313 -0.02 -35.13 -15.98
C ARG B 313 1.21 -35.44 -16.82
N ALA B 314 2.37 -34.99 -16.35
CA ALA B 314 3.61 -35.21 -17.05
C ALA B 314 4.77 -35.14 -16.08
N PRO B 315 5.75 -36.04 -16.22
CA PRO B 315 6.90 -36.02 -15.32
C PRO B 315 7.75 -34.86 -15.82
N VAL B 316 8.55 -34.27 -14.93
CA VAL B 316 9.39 -33.15 -15.35
C VAL B 316 10.68 -33.03 -14.54
N ILE B 317 11.77 -32.82 -15.26
CA ILE B 317 13.11 -32.63 -14.71
C ILE B 317 13.62 -31.42 -15.48
N LEU B 318 13.89 -30.33 -14.77
CA LEU B 318 14.34 -29.11 -15.44
C LEU B 318 15.43 -28.34 -14.69
N GLY B 319 16.01 -27.35 -15.35
CA GLY B 319 17.06 -26.57 -14.72
C GLY B 319 18.30 -26.38 -15.57
N SER B 320 19.45 -26.20 -14.93
CA SER B 320 20.71 -26.01 -15.65
C SER B 320 20.97 -27.15 -16.65
N PRO B 321 21.38 -26.82 -17.87
CA PRO B 321 21.64 -27.83 -18.90
C PRO B 321 22.56 -28.97 -18.47
N ASP B 322 23.70 -28.64 -17.85
CA ASP B 322 24.62 -29.68 -17.43
C ASP B 322 24.02 -30.61 -16.38
N ASP B 323 23.14 -30.07 -15.55
CA ASP B 323 22.51 -30.89 -14.53
C ASP B 323 21.45 -31.82 -15.14
N VAL B 324 20.64 -31.28 -16.04
CA VAL B 324 19.60 -32.10 -16.69
C VAL B 324 20.28 -33.17 -17.55
N LEU B 325 21.33 -32.80 -18.26
CA LEU B 325 22.07 -33.74 -19.09
C LEU B 325 22.60 -34.88 -18.24
N GLU B 326 23.11 -34.54 -17.06
CA GLU B 326 23.65 -35.56 -16.16
C GLU B 326 22.53 -36.53 -15.76
N PHE B 327 21.37 -35.98 -15.44
CA PHE B 327 20.24 -36.83 -15.07
C PHE B 327 19.87 -37.75 -16.23
N LEU B 328 19.81 -37.18 -17.44
CA LEU B 328 19.46 -37.95 -18.62
C LEU B 328 20.44 -39.10 -18.86
N LYS B 329 21.71 -38.88 -18.51
CA LYS B 329 22.72 -39.92 -18.67
C LYS B 329 22.34 -41.08 -17.77
N VAL B 330 21.99 -40.77 -16.52
CA VAL B 330 21.59 -41.78 -15.56
C VAL B 330 20.31 -42.48 -16.05
N TYR B 331 19.36 -41.68 -16.52
CA TYR B 331 18.10 -42.20 -17.01
C TYR B 331 18.33 -43.22 -18.12
N GLU B 332 19.22 -42.87 -19.05
CA GLU B 332 19.53 -43.76 -20.16
C GLU B 332 20.19 -45.05 -19.68
N LYS B 333 20.99 -44.96 -18.62
CA LYS B 333 21.66 -46.13 -18.07
C LYS B 333 20.63 -47.15 -17.59
N HIS B 334 19.48 -46.67 -17.14
CA HIS B 334 18.44 -47.55 -16.64
C HIS B 334 17.36 -47.83 -17.69
N SER B 335 17.60 -47.43 -18.92
CA SER B 335 16.65 -47.66 -20.01
C SER B 335 17.22 -48.62 -21.05
N ASP C 9 15.19 11.20 17.39
CA ASP C 9 14.49 9.94 17.78
C ASP C 9 13.05 9.92 17.28
N VAL C 10 12.76 8.99 16.37
CA VAL C 10 11.40 8.85 15.83
C VAL C 10 10.43 8.57 16.95
N ASN C 11 9.19 9.00 16.75
CA ASN C 11 8.13 8.76 17.71
C ASN C 11 6.88 8.43 16.89
N THR C 12 6.05 7.55 17.42
CA THR C 12 4.83 7.15 16.73
C THR C 12 3.64 7.51 17.62
N LEU C 13 2.44 7.48 17.05
CA LEU C 13 1.24 7.79 17.83
C LEU C 13 1.10 6.79 18.96
N THR C 14 1.32 5.51 18.66
CA THR C 14 1.22 4.45 19.64
C THR C 14 2.20 4.70 20.79
N ARG C 15 3.44 4.98 20.46
CA ARG C 15 4.47 5.23 21.47
C ARG C 15 4.18 6.49 22.29
N PHE C 16 3.79 7.56 21.61
CA PHE C 16 3.47 8.82 22.25
C PHE C 16 2.33 8.69 23.26
N VAL C 17 1.24 8.06 22.83
CA VAL C 17 0.08 7.89 23.69
C VAL C 17 0.38 6.96 24.89
N MET C 18 1.10 5.89 24.63
CA MET C 18 1.46 4.94 25.68
C MET C 18 2.25 5.65 26.78
N GLU C 19 3.20 6.50 26.37
CA GLU C 19 4.03 7.22 27.33
C GLU C 19 3.22 8.22 28.15
N GLU C 20 2.41 9.03 27.48
CA GLU C 20 1.58 10.00 28.19
C GLU C 20 0.65 9.27 29.16
N GLY C 21 0.06 8.18 28.69
CA GLY C 21 -0.83 7.40 29.54
C GLY C 21 -0.11 6.88 30.77
N ARG C 22 1.13 6.43 30.57
CA ARG C 22 1.93 5.91 31.67
C ARG C 22 2.16 6.98 32.74
N LYS C 23 2.41 8.21 32.30
CA LYS C 23 2.65 9.32 33.22
C LYS C 23 1.41 9.64 34.06
N ALA C 24 0.23 9.37 33.50
CA ALA C 24 -1.02 9.65 34.21
C ALA C 24 -1.32 8.65 35.31
N ARG C 25 -0.63 7.51 35.28
CA ARG C 25 -0.80 6.47 36.29
C ARG C 25 -2.27 6.10 36.50
N GLY C 26 -2.99 5.89 35.41
CA GLY C 26 -4.39 5.52 35.49
C GLY C 26 -4.65 4.06 35.21
N THR C 27 -5.78 3.76 34.59
CA THR C 27 -6.15 2.39 34.27
C THR C 27 -5.64 1.93 32.90
N GLY C 28 -5.29 2.90 32.04
CA GLY C 28 -4.81 2.56 30.71
C GLY C 28 -5.93 2.62 29.68
N GLU C 29 -7.13 2.93 30.13
CA GLU C 29 -8.30 2.99 29.25
C GLU C 29 -8.18 3.99 28.10
N LEU C 30 -7.82 5.24 28.40
CA LEU C 30 -7.72 6.23 27.35
C LEU C 30 -6.69 5.82 26.31
N THR C 31 -5.65 5.12 26.75
CA THR C 31 -4.61 4.64 25.86
C THR C 31 -5.22 3.65 24.87
N GLN C 32 -6.01 2.71 25.40
CA GLN C 32 -6.66 1.71 24.56
C GLN C 32 -7.70 2.36 23.65
N LEU C 33 -8.38 3.39 24.16
CA LEU C 33 -9.38 4.10 23.39
C LEU C 33 -8.71 4.77 22.19
N LEU C 34 -7.61 5.46 22.44
CA LEU C 34 -6.88 6.15 21.38
C LEU C 34 -6.24 5.18 20.39
N ASN C 35 -5.73 4.05 20.89
CA ASN C 35 -5.13 3.03 20.02
C ASN C 35 -6.20 2.52 19.06
N SER C 36 -7.38 2.26 19.60
CA SER C 36 -8.49 1.76 18.81
C SER C 36 -8.97 2.81 17.80
N LEU C 37 -9.02 4.06 18.22
CA LEU C 37 -9.43 5.14 17.33
C LEU C 37 -8.41 5.25 16.19
N CYS C 38 -7.14 5.14 16.54
CA CYS C 38 -6.05 5.20 15.55
C CYS C 38 -6.23 4.14 14.49
N THR C 39 -6.52 2.91 14.93
CA THR C 39 -6.73 1.82 13.99
C THR C 39 -7.91 2.11 13.06
N ALA C 40 -8.99 2.62 13.63
CA ALA C 40 -10.18 2.95 12.83
C ALA C 40 -9.85 4.01 11.79
N VAL C 41 -9.08 5.03 12.20
CA VAL C 41 -8.71 6.11 11.28
C VAL C 41 -7.91 5.57 10.11
N LYS C 42 -7.00 4.62 10.36
CA LYS C 42 -6.21 4.05 9.26
C LYS C 42 -7.11 3.26 8.30
N ALA C 43 -8.14 2.62 8.84
CA ALA C 43 -9.09 1.84 8.03
C ALA C 43 -9.92 2.80 7.20
N ILE C 44 -10.32 3.91 7.80
CA ILE C 44 -11.13 4.90 7.09
C ILE C 44 -10.27 5.50 5.97
N SER C 45 -9.02 5.82 6.30
CA SER C 45 -8.10 6.41 5.32
C SER C 45 -7.96 5.47 4.12
N SER C 46 -7.76 4.18 4.39
CA SER C 46 -7.60 3.20 3.33
C SER C 46 -8.83 3.16 2.41
N ALA C 47 -10.03 3.20 3.00
CA ALA C 47 -11.25 3.19 2.20
C ALA C 47 -11.44 4.52 1.46
N VAL C 48 -11.10 5.64 2.10
CA VAL C 48 -11.24 6.94 1.46
C VAL C 48 -10.36 7.02 0.22
N ARG C 49 -9.13 6.51 0.32
CA ARG C 49 -8.23 6.52 -0.84
C ARG C 49 -8.65 5.50 -1.89
N LYS C 50 -9.78 4.84 -1.65
CA LYS C 50 -10.36 3.89 -2.60
C LYS C 50 -9.64 2.56 -2.84
N ALA C 51 -8.99 2.03 -1.82
CA ALA C 51 -8.32 0.75 -1.99
C ALA C 51 -9.39 -0.31 -2.27
N GLY C 52 -9.15 -1.15 -3.27
CA GLY C 52 -10.11 -2.19 -3.58
C GLY C 52 -11.28 -1.75 -4.44
N ILE C 53 -11.29 -0.49 -4.89
CA ILE C 53 -12.41 -0.04 -5.71
C ILE C 53 -12.50 -0.87 -6.99
N ALA C 54 -11.39 -1.46 -7.42
CA ALA C 54 -11.40 -2.27 -8.63
C ALA C 54 -12.41 -3.43 -8.50
N HIS C 55 -12.54 -3.99 -7.30
CA HIS C 55 -13.49 -5.09 -7.09
C HIS C 55 -14.92 -4.61 -7.21
N LEU C 56 -15.15 -3.34 -6.92
CA LEU C 56 -16.48 -2.78 -7.02
C LEU C 56 -16.84 -2.62 -8.49
N TYR C 57 -15.84 -2.42 -9.34
CA TYR C 57 -16.12 -2.26 -10.75
C TYR C 57 -15.96 -3.51 -11.61
N GLY C 58 -16.03 -4.67 -10.96
CA GLY C 58 -15.98 -5.95 -11.66
C GLY C 58 -14.66 -6.58 -12.09
N ILE C 59 -13.55 -6.24 -11.44
CA ILE C 59 -12.28 -6.82 -11.84
C ILE C 59 -12.30 -8.35 -11.73
N ALA C 60 -13.09 -8.87 -10.79
CA ALA C 60 -13.18 -10.31 -10.57
C ALA C 60 -14.47 -10.90 -11.12
N GLY C 61 -15.18 -10.13 -11.93
CA GLY C 61 -16.43 -10.60 -12.50
C GLY C 61 -17.65 -10.10 -11.76
N LYS C 71 -20.61 -0.79 1.12
CA LYS C 71 -21.46 0.24 1.71
C LYS C 71 -20.85 1.63 1.51
N LYS C 72 -21.68 2.66 1.62
CA LYS C 72 -21.23 4.05 1.49
C LYS C 72 -20.07 4.29 2.45
N LEU C 73 -19.17 5.18 2.06
CA LEU C 73 -18.00 5.49 2.87
C LEU C 73 -18.34 6.06 4.25
N ASP C 74 -19.34 6.94 4.30
CA ASP C 74 -19.73 7.54 5.57
C ASP C 74 -20.23 6.46 6.52
N VAL C 75 -20.99 5.51 6.00
CA VAL C 75 -21.52 4.43 6.83
C VAL C 75 -20.39 3.49 7.28
N LEU C 76 -19.50 3.15 6.36
CA LEU C 76 -18.37 2.29 6.69
C LEU C 76 -17.52 2.93 7.78
N SER C 77 -17.25 4.23 7.62
CA SER C 77 -16.45 4.98 8.58
C SER C 77 -17.08 4.96 9.97
N ASN C 78 -18.39 5.16 10.03
CA ASN C 78 -19.08 5.16 11.30
C ASN C 78 -18.97 3.76 11.92
N ASP C 79 -19.16 2.73 11.12
CA ASP C 79 -19.06 1.35 11.60
C ASP C 79 -17.67 1.06 12.15
N LEU C 80 -16.63 1.55 11.47
CA LEU C 80 -15.26 1.32 11.92
C LEU C 80 -15.01 1.98 13.27
N VAL C 81 -15.40 3.25 13.41
CA VAL C 81 -15.20 3.95 14.68
C VAL C 81 -16.02 3.31 15.79
N MET C 82 -17.31 3.10 15.53
CA MET C 82 -18.20 2.50 16.52
C MET C 82 -17.67 1.16 17.02
N ASN C 83 -17.37 0.26 16.09
CA ASN C 83 -16.88 -1.07 16.46
C ASN C 83 -15.54 -1.04 17.19
N MET C 84 -14.59 -0.25 16.72
CA MET C 84 -13.30 -0.19 17.39
C MET C 84 -13.42 0.41 18.79
N LEU C 85 -14.23 1.47 18.93
CA LEU C 85 -14.41 2.09 20.24
C LEU C 85 -15.12 1.14 21.21
N LYS C 86 -16.17 0.46 20.75
CA LYS C 86 -16.88 -0.48 21.61
C LYS C 86 -15.92 -1.59 22.07
N SER C 87 -15.18 -2.14 21.13
CA SER C 87 -14.25 -3.24 21.43
C SER C 87 -13.02 -2.80 22.24
N SER C 88 -12.87 -1.51 22.49
CA SER C 88 -11.74 -1.02 23.28
C SER C 88 -12.00 -1.24 24.77
N PHE C 89 -13.26 -1.46 25.13
CA PHE C 89 -13.68 -1.66 26.52
C PHE C 89 -13.42 -0.39 27.34
N ALA C 90 -13.24 0.74 26.66
CA ALA C 90 -12.96 1.99 27.33
C ALA C 90 -14.06 3.04 27.26
N THR C 91 -15.16 2.73 26.57
CA THR C 91 -16.24 3.69 26.41
C THR C 91 -17.61 3.21 26.91
N CYS C 92 -18.53 4.15 27.13
CA CYS C 92 -19.87 3.79 27.59
C CYS C 92 -20.96 4.50 26.79
N VAL C 93 -20.66 5.67 26.23
CA VAL C 93 -21.62 6.42 25.44
C VAL C 93 -20.93 6.97 24.20
N LEU C 94 -21.51 6.72 23.04
CA LEU C 94 -20.93 7.16 21.78
C LEU C 94 -21.91 7.99 20.95
N VAL C 95 -21.54 9.23 20.66
CA VAL C 95 -22.38 10.11 19.87
C VAL C 95 -21.73 10.35 18.52
N SER C 96 -22.49 10.02 17.48
CA SER C 96 -22.02 10.16 16.11
C SER C 96 -22.96 11.01 15.29
N GLU C 97 -22.37 11.72 14.33
CA GLU C 97 -23.07 12.60 13.42
C GLU C 97 -23.98 11.76 12.54
N GLU C 98 -23.65 10.47 12.45
CA GLU C 98 -24.41 9.51 11.65
C GLU C 98 -25.66 8.95 12.30
N ASP C 99 -25.70 8.91 13.64
CA ASP C 99 -26.84 8.34 14.36
C ASP C 99 -27.71 9.37 15.12
N LYS C 100 -29.04 9.28 14.98
CA LYS C 100 -29.97 10.21 15.63
C LYS C 100 -29.87 10.18 17.16
N HIS C 101 -29.81 8.98 17.73
CA HIS C 101 -29.72 8.80 19.17
C HIS C 101 -28.31 8.41 19.58
N ALA C 102 -27.95 8.70 20.83
CA ALA C 102 -26.64 8.34 21.33
C ALA C 102 -26.57 6.81 21.41
N ILE C 103 -25.40 6.26 21.11
CA ILE C 103 -25.24 4.81 21.18
C ILE C 103 -24.76 4.46 22.58
N ILE C 104 -25.45 3.52 23.23
CA ILE C 104 -25.08 3.09 24.57
C ILE C 104 -24.34 1.76 24.44
N VAL C 105 -23.09 1.74 24.89
CA VAL C 105 -22.28 0.53 24.83
C VAL C 105 -22.87 -0.55 25.73
N GLU C 106 -22.88 -1.79 25.26
CA GLU C 106 -23.41 -2.90 26.04
C GLU C 106 -22.59 -3.01 27.33
N PRO C 107 -23.24 -3.39 28.44
CA PRO C 107 -22.58 -3.53 29.75
C PRO C 107 -21.24 -4.24 29.81
N GLU C 108 -21.10 -5.37 29.11
CA GLU C 108 -19.85 -6.11 29.15
C GLU C 108 -18.66 -5.48 28.41
N LYS C 109 -18.85 -4.33 27.79
CA LYS C 109 -17.76 -3.68 27.07
C LYS C 109 -17.64 -2.21 27.47
N ARG C 110 -18.33 -1.83 28.53
CA ARG C 110 -18.32 -0.45 28.99
C ARG C 110 -17.05 0.03 29.69
N GLY C 111 -16.65 1.24 29.33
CA GLY C 111 -15.49 1.89 29.91
C GLY C 111 -15.97 3.23 30.45
N LYS C 112 -15.08 4.02 31.03
CA LYS C 112 -15.49 5.30 31.61
C LYS C 112 -15.53 6.52 30.69
N TYR C 113 -15.24 6.36 29.40
CA TYR C 113 -15.24 7.49 28.48
C TYR C 113 -16.44 7.64 27.55
N VAL C 114 -16.70 8.90 27.19
CA VAL C 114 -17.78 9.26 26.30
C VAL C 114 -17.11 9.87 25.06
N VAL C 115 -17.50 9.41 23.87
CA VAL C 115 -16.90 9.94 22.66
C VAL C 115 -17.94 10.52 21.68
N CYS C 116 -17.69 11.75 21.25
CA CYS C 116 -18.55 12.42 20.28
C CYS C 116 -17.68 12.53 19.03
N PHE C 117 -18.17 12.08 17.90
CA PHE C 117 -17.36 12.15 16.69
C PHE C 117 -18.14 12.30 15.40
N ASP C 118 -17.43 12.74 14.37
CA ASP C 118 -17.96 12.88 13.02
C ASP C 118 -17.05 11.92 12.26
N PRO C 119 -17.55 10.71 11.94
CA PRO C 119 -16.78 9.69 11.23
C PRO C 119 -16.13 10.12 9.92
N LEU C 120 -16.86 10.88 9.10
CA LEU C 120 -16.32 11.34 7.83
C LEU C 120 -16.83 12.74 7.47
N ASP C 121 -16.18 13.75 8.02
CA ASP C 121 -16.51 15.15 7.80
C ASP C 121 -16.22 15.58 6.35
N GLY C 122 -17.20 16.21 5.73
CA GLY C 122 -17.04 16.68 4.36
C GLY C 122 -17.36 15.63 3.30
N SER C 123 -17.92 14.49 3.73
CA SER C 123 -18.24 13.42 2.79
C SER C 123 -19.35 13.79 1.80
N SER C 124 -20.15 14.79 2.14
CA SER C 124 -21.24 15.20 1.26
C SER C 124 -20.76 15.57 -0.13
N ASN C 125 -19.60 16.22 -0.19
CA ASN C 125 -18.99 16.62 -1.44
C ASN C 125 -17.78 15.74 -1.77
N ILE C 126 -17.86 14.48 -1.32
CA ILE C 126 -16.81 13.50 -1.54
C ILE C 126 -16.63 13.21 -3.03
N ASP C 127 -17.70 13.38 -3.80
CA ASP C 127 -17.69 13.14 -5.24
C ASP C 127 -16.54 13.86 -5.93
N CYS C 128 -16.31 15.11 -5.53
CA CYS C 128 -15.27 15.91 -6.13
C CYS C 128 -13.89 15.62 -5.55
N LEU C 129 -13.79 14.58 -4.74
CA LEU C 129 -12.52 14.19 -4.11
C LEU C 129 -11.96 15.27 -3.19
N VAL C 130 -12.84 16.11 -2.68
CA VAL C 130 -12.45 17.15 -1.74
C VAL C 130 -11.93 16.47 -0.49
N SER C 131 -11.01 17.12 0.21
CA SER C 131 -10.49 16.55 1.45
C SER C 131 -11.62 16.26 2.43
N VAL C 132 -11.54 15.14 3.12
CA VAL C 132 -12.53 14.77 4.13
C VAL C 132 -11.77 14.42 5.39
N GLY C 133 -12.48 14.22 6.49
CA GLY C 133 -11.80 13.88 7.73
C GLY C 133 -12.68 13.33 8.82
N THR C 134 -12.06 12.94 9.93
CA THR C 134 -12.75 12.40 11.09
C THR C 134 -12.47 13.35 12.26
N ILE C 135 -13.51 13.78 12.96
CA ILE C 135 -13.34 14.68 14.10
C ILE C 135 -13.82 13.96 15.36
N PHE C 136 -13.11 14.14 16.47
CA PHE C 136 -13.50 13.48 17.71
C PHE C 136 -13.21 14.29 18.97
N GLY C 137 -14.02 14.04 19.99
CA GLY C 137 -13.87 14.70 21.28
C GLY C 137 -14.14 13.65 22.34
N ILE C 138 -13.25 13.54 23.31
CA ILE C 138 -13.38 12.55 24.36
C ILE C 138 -13.54 13.15 25.75
N TYR C 139 -14.60 12.72 26.44
CA TYR C 139 -14.91 13.17 27.81
C TYR C 139 -14.91 11.99 28.77
N ARG C 140 -14.66 12.28 30.04
CA ARG C 140 -14.70 11.25 31.08
C ARG C 140 -16.13 11.32 31.61
N LYS C 141 -16.80 10.17 31.73
CA LYS C 141 -18.16 10.17 32.22
C LYS C 141 -18.15 10.84 33.58
N LYS C 142 -19.01 11.85 33.70
CA LYS C 142 -19.17 12.66 34.89
C LYS C 142 -20.20 12.05 35.84
N SER C 143 -21.38 11.77 35.31
CA SER C 143 -22.48 11.21 36.09
C SER C 143 -22.28 9.73 36.43
N THR C 144 -22.87 9.29 37.54
CA THR C 144 -22.78 7.89 37.95
C THR C 144 -24.02 7.12 37.54
N ASP C 145 -24.98 7.81 36.94
CA ASP C 145 -26.22 7.16 36.49
C ASP C 145 -25.88 6.18 35.36
N GLU C 146 -26.74 5.19 35.14
CA GLU C 146 -26.55 4.26 34.03
C GLU C 146 -26.23 5.15 32.81
N PRO C 147 -25.32 4.70 31.94
CA PRO C 147 -24.95 5.48 30.76
C PRO C 147 -26.13 5.91 29.90
N SER C 148 -26.15 7.20 29.54
CA SER C 148 -27.22 7.71 28.70
C SER C 148 -26.73 8.89 27.87
N GLU C 149 -27.60 9.42 27.03
CA GLU C 149 -27.25 10.55 26.18
C GLU C 149 -26.80 11.77 26.99
N LYS C 150 -27.29 11.88 28.21
CA LYS C 150 -26.94 12.99 29.09
C LYS C 150 -25.44 13.07 29.37
N ASP C 151 -24.77 11.91 29.35
CA ASP C 151 -23.34 11.87 29.62
C ASP C 151 -22.52 12.59 28.56
N ALA C 152 -23.12 12.84 27.40
CA ALA C 152 -22.42 13.52 26.32
C ALA C 152 -22.72 15.02 26.34
N LEU C 153 -23.56 15.45 27.27
CA LEU C 153 -23.90 16.87 27.35
C LEU C 153 -23.00 17.63 28.33
N GLN C 154 -21.70 17.57 28.08
CA GLN C 154 -20.72 18.28 28.90
C GLN C 154 -20.12 19.41 28.08
N PRO C 155 -19.73 20.51 28.73
CA PRO C 155 -19.13 21.61 27.98
C PRO C 155 -17.75 21.18 27.46
N GLY C 156 -17.35 21.71 26.31
CA GLY C 156 -16.06 21.35 25.72
C GLY C 156 -14.90 21.55 26.67
N ARG C 157 -15.12 22.41 27.66
CA ARG C 157 -14.09 22.70 28.65
C ARG C 157 -13.68 21.45 29.42
N ASN C 158 -14.54 20.44 29.44
CA ASN C 158 -14.26 19.19 30.15
C ASN C 158 -13.52 18.12 29.32
N LEU C 159 -13.27 18.41 28.06
CA LEU C 159 -12.56 17.46 27.20
C LEU C 159 -11.23 16.98 27.76
N VAL C 160 -10.95 15.68 27.62
CA VAL C 160 -9.67 15.16 28.10
C VAL C 160 -8.76 15.00 26.88
N ALA C 161 -9.37 14.82 25.71
CA ALA C 161 -8.62 14.69 24.46
C ALA C 161 -9.55 14.96 23.28
N ALA C 162 -9.00 15.52 22.22
CA ALA C 162 -9.78 15.82 21.04
C ALA C 162 -8.86 16.06 19.86
N GLY C 163 -9.42 15.98 18.66
CA GLY C 163 -8.61 16.19 17.48
C GLY C 163 -9.32 15.74 16.23
N TYR C 164 -8.55 15.44 15.20
CA TYR C 164 -9.12 15.03 13.94
C TYR C 164 -8.06 14.38 13.07
N ALA C 165 -8.54 13.68 12.06
CA ALA C 165 -7.68 13.03 11.08
C ALA C 165 -8.11 13.71 9.77
N LEU C 166 -7.13 14.21 9.02
CA LEU C 166 -7.43 14.86 7.76
C LEU C 166 -6.96 13.95 6.64
N TYR C 167 -7.88 13.58 5.76
CA TYR C 167 -7.52 12.74 4.64
C TYR C 167 -7.39 13.68 3.43
N GLY C 168 -6.27 14.39 3.35
CA GLY C 168 -6.03 15.32 2.27
C GLY C 168 -4.96 14.81 1.32
N SER C 169 -4.04 15.65 0.90
CA SER C 169 -2.98 15.22 0.00
C SER C 169 -2.30 14.02 0.69
N ALA C 170 -2.22 14.08 2.02
CA ALA C 170 -1.66 13.00 2.83
C ALA C 170 -2.62 12.88 4.03
N THR C 171 -2.47 11.82 4.81
CA THR C 171 -3.34 11.64 5.97
C THR C 171 -2.58 12.03 7.23
N MET C 172 -3.18 12.93 7.99
CA MET C 172 -2.56 13.38 9.23
C MET C 172 -3.53 13.36 10.40
N LEU C 173 -3.04 12.95 11.56
CA LEU C 173 -3.86 12.91 12.76
C LEU C 173 -3.36 13.99 13.70
N VAL C 174 -4.26 14.89 14.09
CA VAL C 174 -3.92 15.96 15.02
C VAL C 174 -4.56 15.61 16.36
N LEU C 175 -3.74 15.43 17.38
CA LEU C 175 -4.23 15.09 18.70
C LEU C 175 -3.91 16.17 19.72
N ALA C 176 -4.96 16.65 20.39
CA ALA C 176 -4.79 17.67 21.40
C ALA C 176 -5.21 17.13 22.77
N MET C 177 -4.38 17.40 23.78
CA MET C 177 -4.63 16.98 25.15
C MET C 177 -3.98 18.05 26.02
N ASP C 178 -3.99 17.85 27.34
CA ASP C 178 -3.39 18.82 28.25
C ASP C 178 -1.94 19.15 27.91
N CYS C 179 -1.18 18.14 27.46
CA CYS C 179 0.23 18.34 27.12
C CYS C 179 0.43 19.18 25.86
N GLY C 180 -0.65 19.50 25.15
CA GLY C 180 -0.51 20.30 23.95
C GLY C 180 -1.07 19.64 22.69
N VAL C 181 -0.71 20.19 21.54
CA VAL C 181 -1.16 19.67 20.25
C VAL C 181 -0.01 19.01 19.49
N ASN C 182 -0.23 17.78 19.04
CA ASN C 182 0.80 17.05 18.32
C ASN C 182 0.25 16.48 17.01
N CYS C 183 1.03 16.63 15.95
CA CYS C 183 0.63 16.20 14.62
C CYS C 183 1.41 14.99 14.13
N PHE C 184 0.67 13.98 13.68
CA PHE C 184 1.27 12.74 13.20
C PHE C 184 0.89 12.46 11.74
N MET C 185 1.88 12.11 10.93
CA MET C 185 1.63 11.83 9.52
C MET C 185 1.53 10.33 9.33
N LEU C 186 0.52 9.88 8.61
CA LEU C 186 0.36 8.46 8.35
C LEU C 186 1.26 8.02 7.20
N ASP C 187 2.15 7.07 7.48
CA ASP C 187 3.05 6.55 6.45
C ASP C 187 2.36 5.31 5.91
N PRO C 188 1.76 5.40 4.72
CA PRO C 188 1.05 4.28 4.10
C PRO C 188 1.88 3.03 3.84
N ALA C 189 3.20 3.21 3.76
CA ALA C 189 4.10 2.08 3.52
C ALA C 189 4.08 1.11 4.69
N ILE C 190 3.93 1.64 5.90
CA ILE C 190 3.95 0.81 7.09
C ILE C 190 2.74 0.98 8.01
N GLY C 191 1.78 1.79 7.57
CA GLY C 191 0.59 1.99 8.38
C GLY C 191 0.93 2.46 9.77
N GLU C 192 1.78 3.47 9.85
CA GLU C 192 2.20 4.02 11.13
C GLU C 192 2.09 5.56 11.13
N PHE C 193 1.54 6.10 12.21
CA PHE C 193 1.40 7.54 12.37
C PHE C 193 2.70 8.07 12.98
N ILE C 194 3.45 8.84 12.19
CA ILE C 194 4.72 9.38 12.63
C ILE C 194 4.60 10.81 13.13
N LEU C 195 5.12 11.06 14.32
CA LEU C 195 5.08 12.40 14.92
C LEU C 195 5.98 13.32 14.10
N VAL C 196 5.39 14.34 13.46
CA VAL C 196 6.19 15.26 12.66
C VAL C 196 6.19 16.71 13.16
N ASP C 197 5.26 17.05 14.04
CA ASP C 197 5.17 18.40 14.60
C ASP C 197 4.75 18.29 16.08
N LYS C 198 5.67 18.67 16.97
CA LYS C 198 5.43 18.59 18.40
C LYS C 198 4.97 19.89 19.05
N ASP C 199 4.09 19.77 20.04
CA ASP C 199 3.60 20.91 20.80
C ASP C 199 3.37 22.11 19.89
N VAL C 200 2.50 21.94 18.92
CA VAL C 200 2.20 22.98 17.94
C VAL C 200 1.44 24.18 18.49
N LYS C 201 1.85 25.36 18.04
CA LYS C 201 1.22 26.62 18.43
C LYS C 201 0.87 27.37 17.16
N ILE C 202 -0.31 27.96 17.14
CA ILE C 202 -0.78 28.72 15.97
C ILE C 202 -0.18 30.12 15.98
N LYS C 203 -0.01 30.70 14.79
CA LYS C 203 0.53 32.04 14.66
C LYS C 203 -0.37 33.04 15.39
N LYS C 204 0.25 34.04 16.01
CA LYS C 204 -0.49 35.05 16.75
C LYS C 204 -1.48 35.76 15.82
N LYS C 205 -1.08 35.96 14.57
CA LYS C 205 -1.92 36.62 13.58
C LYS C 205 -1.65 36.06 12.19
N GLY C 206 -2.71 35.83 11.43
CA GLY C 206 -2.57 35.29 10.08
C GLY C 206 -2.93 36.28 8.98
N LYS C 207 -2.98 35.78 7.75
CA LYS C 207 -3.31 36.61 6.58
C LYS C 207 -4.35 35.95 5.67
N ILE C 208 -5.15 35.07 6.24
CA ILE C 208 -6.17 34.35 5.48
C ILE C 208 -7.48 34.29 6.26
N TYR C 209 -8.59 34.54 5.58
CA TYR C 209 -9.89 34.43 6.24
C TYR C 209 -10.63 33.35 5.49
N SER C 210 -11.44 32.57 6.20
CA SER C 210 -12.14 31.46 5.57
C SER C 210 -13.61 31.34 6.01
N LEU C 211 -14.52 31.47 5.05
CA LEU C 211 -15.94 31.34 5.30
C LEU C 211 -16.65 31.31 3.95
N ASN C 212 -17.87 30.76 3.93
CA ASN C 212 -18.67 30.67 2.72
C ASN C 212 -19.30 32.04 2.48
N GLU C 213 -18.70 32.84 1.60
CA GLU C 213 -19.22 34.18 1.31
C GLU C 213 -20.49 34.14 0.48
N GLY C 214 -20.94 32.95 0.11
CA GLY C 214 -22.16 32.82 -0.66
C GLY C 214 -23.35 33.17 0.22
N TYR C 215 -23.12 33.21 1.53
CA TYR C 215 -24.16 33.57 2.50
C TYR C 215 -24.20 35.08 2.70
N ALA C 216 -23.35 35.82 2.00
CA ALA C 216 -23.26 37.28 2.13
C ALA C 216 -24.58 37.97 2.41
N LYS C 217 -25.57 37.74 1.55
CA LYS C 217 -26.88 38.37 1.69
C LYS C 217 -27.49 38.19 3.08
N ASP C 218 -27.26 37.04 3.70
CA ASP C 218 -27.82 36.77 5.02
C ASP C 218 -26.85 36.98 6.16
N PHE C 219 -25.64 37.50 5.90
CA PHE C 219 -24.71 37.67 7.00
C PHE C 219 -25.15 38.67 8.05
N ASP C 220 -24.70 38.46 9.29
CA ASP C 220 -25.06 39.40 10.33
C ASP C 220 -24.17 40.61 10.07
N PRO C 221 -24.61 41.80 10.50
CA PRO C 221 -23.82 43.01 10.28
C PRO C 221 -22.37 42.95 10.73
N ALA C 222 -22.11 42.30 11.86
CA ALA C 222 -20.74 42.21 12.36
C ALA C 222 -19.84 41.40 11.43
N VAL C 223 -20.37 40.31 10.88
CA VAL C 223 -19.59 39.48 9.96
C VAL C 223 -19.34 40.25 8.67
N THR C 224 -20.36 40.96 8.19
CA THR C 224 -20.23 41.76 6.97
C THR C 224 -19.10 42.79 7.13
N GLU C 225 -19.10 43.50 8.25
CA GLU C 225 -18.06 44.52 8.46
C GLU C 225 -16.67 43.90 8.62
N TYR C 226 -16.57 42.83 9.40
CA TYR C 226 -15.28 42.18 9.61
C TYR C 226 -14.65 41.74 8.28
N ILE C 227 -15.45 41.09 7.44
CA ILE C 227 -14.95 40.62 6.15
C ILE C 227 -14.55 41.82 5.30
N GLN C 228 -15.34 42.88 5.37
CA GLN C 228 -15.03 44.09 4.63
C GLN C 228 -13.65 44.62 5.03
N ARG C 229 -13.31 44.48 6.31
CA ARG C 229 -12.02 44.94 6.81
C ARG C 229 -10.88 44.07 6.31
N LYS C 230 -11.19 42.81 6.00
CA LYS C 230 -10.18 41.88 5.50
C LYS C 230 -9.86 42.18 4.03
N LYS C 231 -10.86 42.63 3.31
CA LYS C 231 -10.71 42.95 1.88
C LYS C 231 -10.27 44.40 1.64
N PHE C 232 -10.73 45.30 2.50
CA PHE C 232 -10.41 46.72 2.39
C PHE C 232 -9.88 47.20 3.74
N PRO C 233 -8.66 46.80 4.08
CA PRO C 233 -8.09 47.21 5.37
C PRO C 233 -8.20 48.73 5.53
N PRO C 234 -8.87 49.19 6.59
CA PRO C 234 -9.03 50.62 6.84
C PRO C 234 -7.67 51.30 7.01
N ASP C 235 -6.68 50.52 7.45
CA ASP C 235 -5.33 51.03 7.67
C ASP C 235 -4.51 50.87 6.40
N ASN C 236 -5.20 50.54 5.32
CA ASN C 236 -4.58 50.35 4.01
C ASN C 236 -3.44 49.34 3.95
N SER C 237 -3.45 48.38 4.87
CA SER C 237 -2.43 47.33 4.89
C SER C 237 -2.85 46.34 3.79
N ALA C 238 -2.06 45.29 3.58
CA ALA C 238 -2.37 44.31 2.56
C ALA C 238 -3.63 43.50 2.88
N PRO C 239 -4.54 43.35 1.91
CA PRO C 239 -5.77 42.59 2.14
C PRO C 239 -5.45 41.12 2.38
N TYR C 240 -6.27 40.46 3.19
CA TYR C 240 -6.10 39.03 3.48
C TYR C 240 -6.48 38.19 2.26
N GLY C 241 -5.90 37.01 2.13
CA GLY C 241 -6.24 36.13 1.04
C GLY C 241 -7.43 35.31 1.50
N ALA C 242 -8.21 34.76 0.58
CA ALA C 242 -9.36 33.95 0.95
C ALA C 242 -9.18 32.49 0.54
N ARG C 243 -9.67 31.59 1.40
CA ARG C 243 -9.61 30.16 1.13
C ARG C 243 -10.82 29.54 1.82
N TYR C 244 -11.52 28.67 1.10
CA TYR C 244 -12.66 27.98 1.68
C TYR C 244 -12.88 26.65 0.96
N VAL C 245 -12.33 25.60 1.54
CA VAL C 245 -12.44 24.26 0.97
C VAL C 245 -13.85 23.73 1.06
N GLY C 246 -14.54 24.03 2.16
CA GLY C 246 -15.90 23.55 2.32
C GLY C 246 -15.95 22.38 3.28
N SER C 247 -14.78 21.88 3.66
CA SER C 247 -14.69 20.77 4.62
C SER C 247 -14.04 21.36 5.87
N MET C 248 -14.74 21.29 6.99
CA MET C 248 -14.23 21.86 8.23
C MET C 248 -12.81 21.41 8.62
N VAL C 249 -12.56 20.11 8.53
CA VAL C 249 -11.23 19.61 8.89
C VAL C 249 -10.13 20.23 8.04
N ALA C 250 -10.39 20.37 6.74
CA ALA C 250 -9.40 20.96 5.86
C ALA C 250 -9.20 22.45 6.14
N ASP C 251 -10.31 23.19 6.28
CA ASP C 251 -10.19 24.63 6.55
C ASP C 251 -9.58 24.91 7.92
N VAL C 252 -9.96 24.14 8.93
CA VAL C 252 -9.42 24.35 10.27
C VAL C 252 -7.94 24.01 10.33
N HIS C 253 -7.54 22.93 9.67
CA HIS C 253 -6.14 22.53 9.67
C HIS C 253 -5.26 23.58 9.00
N ARG C 254 -5.73 24.15 7.89
CA ARG C 254 -4.98 25.18 7.19
C ARG C 254 -4.82 26.37 8.15
N THR C 255 -5.90 26.69 8.87
CA THR C 255 -5.91 27.78 9.83
C THR C 255 -4.83 27.53 10.90
N LEU C 256 -4.73 26.30 11.37
CA LEU C 256 -3.74 25.92 12.37
C LEU C 256 -2.31 26.05 11.83
N VAL C 257 -2.10 25.54 10.62
CA VAL C 257 -0.79 25.57 9.98
C VAL C 257 -0.32 26.95 9.53
N TYR C 258 -1.18 27.70 8.85
CA TYR C 258 -0.80 29.02 8.36
C TYR C 258 -1.30 30.18 9.19
N GLY C 259 -2.20 29.91 10.12
CA GLY C 259 -2.75 30.98 10.93
C GLY C 259 -3.88 31.65 10.16
N GLY C 260 -4.57 32.59 10.80
CA GLY C 260 -5.66 33.25 10.13
C GLY C 260 -6.95 33.01 10.87
N ILE C 261 -8.07 33.06 10.15
CA ILE C 261 -9.35 32.89 10.80
C ILE C 261 -10.35 32.09 9.98
N PHE C 262 -11.16 31.30 10.67
CA PHE C 262 -12.19 30.46 10.06
C PHE C 262 -13.54 30.84 10.65
N LEU C 263 -14.55 31.00 9.79
CA LEU C 263 -15.87 31.36 10.29
C LEU C 263 -17.03 30.58 9.68
N TYR C 264 -17.94 30.19 10.55
CA TYR C 264 -19.18 29.53 10.15
C TYR C 264 -20.16 30.07 11.19
N PRO C 265 -20.51 31.35 11.04
CA PRO C 265 -21.42 32.11 11.91
C PRO C 265 -22.88 31.75 11.69
N ALA C 266 -23.77 32.18 12.56
CA ALA C 266 -25.18 31.88 12.32
C ALA C 266 -25.58 32.62 11.02
N ASN C 267 -26.67 32.17 10.40
CA ASN C 267 -27.19 32.79 9.18
C ASN C 267 -28.60 33.19 9.55
N LYS C 268 -29.28 33.90 8.65
CA LYS C 268 -30.67 34.27 8.92
C LYS C 268 -31.47 32.97 8.88
N LYS C 269 -31.03 32.05 8.02
CA LYS C 269 -31.66 30.73 7.87
C LYS C 269 -31.26 29.76 8.98
N SER C 270 -30.06 29.92 9.51
CA SER C 270 -29.57 29.03 10.58
C SER C 270 -29.18 29.87 11.78
N PRO C 271 -30.17 30.43 12.48
CA PRO C 271 -30.08 31.30 13.67
C PRO C 271 -29.13 30.81 14.77
N ASN C 272 -28.91 29.51 14.85
CA ASN C 272 -28.02 28.95 15.85
C ASN C 272 -26.74 28.40 15.21
N GLY C 273 -26.33 28.98 14.06
CA GLY C 273 -25.16 28.51 13.32
C GLY C 273 -25.54 27.27 12.52
N LYS C 274 -24.59 26.71 11.79
CA LYS C 274 -24.81 25.52 10.96
C LYS C 274 -24.03 24.30 11.46
N LEU C 275 -22.81 24.51 11.89
CA LEU C 275 -21.98 23.42 12.38
C LEU C 275 -22.47 22.90 13.73
N ARG C 276 -22.19 21.64 14.02
CA ARG C 276 -22.63 21.01 15.27
C ARG C 276 -21.62 21.19 16.41
N LEU C 277 -22.15 21.53 17.58
CA LEU C 277 -21.33 21.75 18.76
C LEU C 277 -20.52 20.56 19.24
N LEU C 278 -21.19 19.45 19.50
CA LEU C 278 -20.55 18.25 20.02
C LEU C 278 -19.39 17.63 19.25
N TYR C 279 -19.55 17.44 17.94
CA TYR C 279 -18.50 16.79 17.17
C TYR C 279 -17.83 17.59 16.05
N GLU C 280 -18.10 18.89 15.99
CA GLU C 280 -17.45 19.73 14.99
C GLU C 280 -16.81 20.94 15.67
N CYS C 281 -17.62 21.73 16.37
CA CYS C 281 -17.12 22.93 17.04
C CYS C 281 -16.23 22.70 18.26
N ASN C 282 -16.72 21.96 19.24
CA ASN C 282 -15.93 21.71 20.45
C ASN C 282 -14.55 21.10 20.20
N PRO C 283 -14.49 20.02 19.40
CA PRO C 283 -13.17 19.43 19.13
C PRO C 283 -12.19 20.44 18.52
N MET C 284 -12.64 21.20 17.51
CA MET C 284 -11.76 22.17 16.88
C MET C 284 -11.44 23.33 17.82
N ALA C 285 -12.41 23.71 18.64
CA ALA C 285 -12.19 24.78 19.60
C ALA C 285 -11.12 24.33 20.59
N TYR C 286 -11.18 23.07 20.98
CA TYR C 286 -10.21 22.51 21.93
C TYR C 286 -8.81 22.50 21.34
N VAL C 287 -8.70 22.07 20.09
CA VAL C 287 -7.40 22.03 19.42
C VAL C 287 -6.85 23.46 19.33
N MET C 288 -7.71 24.38 18.94
CA MET C 288 -7.31 25.77 18.80
C MET C 288 -6.79 26.37 20.10
N GLU C 289 -7.51 26.18 21.20
CA GLU C 289 -7.07 26.74 22.48
C GLU C 289 -5.78 26.10 22.99
N LYS C 290 -5.61 24.80 22.80
CA LYS C 290 -4.39 24.16 23.25
C LYS C 290 -3.20 24.62 22.39
N ALA C 291 -3.49 25.11 21.20
CA ALA C 291 -2.45 25.61 20.30
C ALA C 291 -2.24 27.12 20.51
N GLY C 292 -2.89 27.67 21.54
CA GLY C 292 -2.75 29.10 21.81
C GLY C 292 -3.63 29.93 20.91
N GLY C 293 -4.67 29.32 20.36
CA GLY C 293 -5.59 30.04 19.49
C GLY C 293 -6.89 30.32 20.21
N MET C 294 -7.90 30.77 19.47
CA MET C 294 -9.20 31.06 20.07
C MET C 294 -10.35 30.50 19.22
N ALA C 295 -11.51 30.34 19.86
CA ALA C 295 -12.71 29.84 19.22
C ALA C 295 -13.91 30.37 20.01
N THR C 296 -14.67 31.26 19.39
CA THR C 296 -15.82 31.87 20.03
C THR C 296 -17.09 31.75 19.21
N THR C 297 -18.23 31.85 19.87
CA THR C 297 -19.52 31.80 19.18
C THR C 297 -19.87 33.24 18.89
N GLY C 298 -19.07 34.15 19.46
CA GLY C 298 -19.31 35.56 19.30
C GLY C 298 -19.73 36.11 20.65
N LYS C 299 -20.49 35.30 21.38
CA LYS C 299 -21.00 35.66 22.71
C LYS C 299 -20.11 35.09 23.82
N GLU C 300 -19.60 33.88 23.61
CA GLU C 300 -18.76 33.21 24.60
C GLU C 300 -17.84 32.20 23.93
N ALA C 301 -16.91 31.66 24.71
CA ALA C 301 -15.99 30.66 24.18
C ALA C 301 -16.80 29.41 23.86
N VAL C 302 -16.53 28.83 22.70
CA VAL C 302 -17.23 27.61 22.26
C VAL C 302 -17.18 26.55 23.36
N LEU C 303 -16.01 26.40 23.96
CA LEU C 303 -15.79 25.40 25.01
C LEU C 303 -16.65 25.58 26.28
N ASP C 304 -17.20 26.77 26.48
CA ASP C 304 -18.02 27.02 27.66
C ASP C 304 -19.51 26.83 27.43
N VAL C 305 -19.91 26.59 26.18
CA VAL C 305 -21.32 26.39 25.89
C VAL C 305 -21.78 25.08 26.53
N ILE C 306 -22.87 25.15 27.29
CA ILE C 306 -23.41 23.95 27.93
C ILE C 306 -24.51 23.40 27.04
N PRO C 307 -24.23 22.28 26.37
CA PRO C 307 -25.17 21.60 25.45
C PRO C 307 -26.40 21.03 26.15
N THR C 308 -27.52 21.05 25.43
CA THR C 308 -28.78 20.50 25.93
C THR C 308 -29.27 19.44 24.94
N ASP C 309 -28.66 19.41 23.76
CA ASP C 309 -29.03 18.46 22.71
C ASP C 309 -27.77 18.02 21.96
N ILE C 310 -27.57 16.70 21.84
CA ILE C 310 -26.39 16.16 21.20
C ILE C 310 -26.09 16.65 19.78
N HIS C 311 -27.14 17.03 19.05
CA HIS C 311 -26.94 17.51 17.70
C HIS C 311 -27.18 19.00 17.52
N GLN C 312 -27.21 19.76 18.62
CA GLN C 312 -27.44 21.19 18.50
C GLN C 312 -26.31 21.88 17.73
N ARG C 313 -26.68 22.96 17.05
CA ARG C 313 -25.76 23.74 16.23
C ARG C 313 -25.12 24.83 17.09
N ALA C 314 -24.03 25.40 16.58
CA ALA C 314 -23.34 26.47 17.27
C ALA C 314 -22.54 27.29 16.27
N PRO C 315 -22.56 28.63 16.42
CA PRO C 315 -21.81 29.48 15.50
C PRO C 315 -20.36 29.33 15.96
N VAL C 316 -19.40 29.54 15.06
CA VAL C 316 -18.02 29.44 15.46
C VAL C 316 -17.09 30.31 14.63
N ILE C 317 -16.18 31.00 15.33
CA ILE C 317 -15.17 31.87 14.73
C ILE C 317 -13.90 31.46 15.48
N LEU C 318 -12.92 30.91 14.78
CA LEU C 318 -11.69 30.44 15.42
C LEU C 318 -10.41 30.76 14.64
N GLY C 319 -9.27 30.54 15.28
CA GLY C 319 -8.00 30.82 14.63
C GLY C 319 -7.04 31.62 15.47
N SER C 320 -6.14 32.35 14.80
CA SER C 320 -5.15 33.17 15.48
C SER C 320 -5.82 34.11 16.48
N PRO C 321 -5.26 34.22 17.69
CA PRO C 321 -5.81 35.09 18.73
C PRO C 321 -6.06 36.54 18.30
N ASP C 322 -5.08 37.16 17.66
CA ASP C 322 -5.24 38.55 17.22
C ASP C 322 -6.38 38.71 16.21
N ASP C 323 -6.57 37.70 15.38
CA ASP C 323 -7.63 37.76 14.38
C ASP C 323 -9.01 37.60 15.02
N VAL C 324 -9.13 36.63 15.92
CA VAL C 324 -10.41 36.40 16.60
C VAL C 324 -10.75 37.61 17.46
N LEU C 325 -9.75 38.15 18.16
CA LEU C 325 -9.95 39.32 19.01
C LEU C 325 -10.48 40.47 18.17
N GLU C 326 -9.91 40.64 16.97
CA GLU C 326 -10.34 41.70 16.08
C GLU C 326 -11.81 41.50 15.72
N PHE C 327 -12.17 40.26 15.40
CA PHE C 327 -13.57 39.98 15.06
C PHE C 327 -14.47 40.34 16.23
N LEU C 328 -14.07 39.91 17.43
CA LEU C 328 -14.85 40.19 18.63
C LEU C 328 -15.05 41.68 18.85
N LYS C 329 -14.05 42.47 18.48
CA LYS C 329 -14.13 43.93 18.62
C LYS C 329 -15.29 44.43 17.75
N VAL C 330 -15.33 43.94 16.52
CA VAL C 330 -16.37 44.31 15.59
C VAL C 330 -17.72 43.82 16.09
N TYR C 331 -17.74 42.58 16.59
CA TYR C 331 -18.96 41.97 17.10
C TYR C 331 -19.54 42.84 18.21
N GLU C 332 -18.69 43.26 19.13
CA GLU C 332 -19.10 44.09 20.24
C GLU C 332 -19.66 45.43 19.76
N LYS C 333 -19.07 45.98 18.71
CA LYS C 333 -19.51 47.25 18.15
C LYS C 333 -20.97 47.16 17.69
N HIS C 334 -21.38 45.97 17.25
CA HIS C 334 -22.74 45.78 16.77
C HIS C 334 -23.65 45.16 17.84
N SER C 335 -23.16 45.09 19.07
CA SER C 335 -23.96 44.52 20.16
C SER C 335 -24.25 45.57 21.24
N ASP D 9 -18.44 -4.54 -17.36
CA ASP D 9 -17.04 -4.85 -17.80
C ASP D 9 -16.04 -3.79 -17.33
N VAL D 10 -15.19 -4.17 -16.39
CA VAL D 10 -14.18 -3.26 -15.86
C VAL D 10 -13.27 -2.76 -16.97
N ASN D 11 -12.77 -1.54 -16.84
CA ASN D 11 -11.86 -0.98 -17.81
C ASN D 11 -10.80 -0.24 -17.01
N THR D 12 -9.57 -0.23 -17.51
CA THR D 12 -8.46 0.44 -16.85
C THR D 12 -7.91 1.51 -17.78
N LEU D 13 -7.08 2.40 -17.25
CA LEU D 13 -6.51 3.46 -18.09
C LEU D 13 -5.65 2.84 -19.17
N THR D 14 -4.86 1.83 -18.80
CA THR D 14 -3.99 1.14 -19.75
C THR D 14 -4.82 0.53 -20.89
N ARG D 15 -5.87 -0.20 -20.52
CA ARG D 15 -6.73 -0.85 -21.52
C ARG D 15 -7.46 0.18 -22.40
N PHE D 16 -7.98 1.22 -21.77
CA PHE D 16 -8.70 2.28 -22.48
C PHE D 16 -7.82 2.97 -23.52
N VAL D 17 -6.63 3.39 -23.09
CA VAL D 17 -5.69 4.07 -23.96
C VAL D 17 -5.20 3.18 -25.11
N MET D 18 -4.90 1.93 -24.79
CA MET D 18 -4.42 0.98 -25.80
C MET D 18 -5.47 0.82 -26.89
N GLU D 19 -6.73 0.71 -26.49
CA GLU D 19 -7.82 0.53 -27.45
C GLU D 19 -8.01 1.74 -28.34
N GLU D 20 -8.07 2.93 -27.75
CA GLU D 20 -8.22 4.16 -28.54
C GLU D 20 -7.04 4.31 -29.48
N GLY D 21 -5.84 4.02 -28.98
CA GLY D 21 -4.66 4.12 -29.82
C GLY D 21 -4.72 3.16 -30.99
N ARG D 22 -5.25 1.96 -30.75
CA ARG D 22 -5.37 0.97 -31.80
C ARG D 22 -6.30 1.47 -32.91
N LYS D 23 -7.38 2.12 -32.52
CA LYS D 23 -8.35 2.66 -33.49
C LYS D 23 -7.74 3.75 -34.37
N ALA D 24 -6.76 4.46 -33.83
CA ALA D 24 -6.12 5.55 -34.58
C ALA D 24 -5.17 5.03 -35.65
N ARG D 25 -4.78 3.76 -35.53
CA ARG D 25 -3.89 3.13 -36.50
C ARG D 25 -2.62 3.95 -36.76
N GLY D 26 -1.98 4.39 -35.67
CA GLY D 26 -0.77 5.18 -35.78
C GLY D 26 0.49 4.40 -35.43
N THR D 27 1.46 5.07 -34.82
CA THR D 27 2.72 4.44 -34.44
C THR D 27 2.68 3.82 -33.05
N GLY D 28 1.73 4.25 -32.23
CA GLY D 28 1.63 3.75 -30.88
C GLY D 28 2.34 4.65 -29.88
N GLU D 29 2.92 5.73 -30.39
CA GLU D 29 3.64 6.69 -29.55
C GLU D 29 2.80 7.32 -28.44
N LEU D 30 1.64 7.88 -28.79
CA LEU D 30 0.79 8.52 -27.79
C LEU D 30 0.40 7.53 -26.68
N THR D 31 0.24 6.26 -27.06
CA THR D 31 -0.11 5.22 -26.11
C THR D 31 1.02 5.07 -25.11
N GLN D 32 2.25 4.98 -25.61
CA GLN D 32 3.42 4.84 -24.75
C GLN D 32 3.61 6.10 -23.90
N LEU D 33 3.35 7.26 -24.49
CA LEU D 33 3.47 8.53 -23.77
C LEU D 33 2.51 8.54 -22.58
N LEU D 34 1.25 8.18 -22.83
CA LEU D 34 0.24 8.16 -21.78
C LEU D 34 0.51 7.09 -20.71
N ASN D 35 1.02 5.93 -21.13
CA ASN D 35 1.36 4.84 -20.21
C ASN D 35 2.44 5.35 -19.27
N SER D 36 3.44 6.01 -19.84
CA SER D 36 4.55 6.55 -19.06
C SER D 36 4.08 7.63 -18.11
N LEU D 37 3.19 8.49 -18.60
CA LEU D 37 2.65 9.58 -17.79
C LEU D 37 1.87 8.97 -16.62
N CYS D 38 1.10 7.91 -16.91
CA CYS D 38 0.29 7.22 -15.90
C CYS D 38 1.19 6.69 -14.78
N THR D 39 2.29 6.06 -15.16
CA THR D 39 3.22 5.51 -14.19
C THR D 39 3.79 6.65 -13.32
N ALA D 40 4.15 7.76 -13.95
CA ALA D 40 4.69 8.90 -13.21
C ALA D 40 3.67 9.43 -12.20
N VAL D 41 2.41 9.50 -12.62
CA VAL D 41 1.36 10.00 -11.75
C VAL D 41 1.19 9.12 -10.52
N LYS D 42 1.31 7.80 -10.70
CA LYS D 42 1.18 6.88 -9.57
C LYS D 42 2.35 7.07 -8.61
N ALA D 43 3.53 7.37 -9.15
CA ALA D 43 4.71 7.59 -8.33
C ALA D 43 4.55 8.89 -7.55
N ILE D 44 4.02 9.92 -8.22
CA ILE D 44 3.81 11.21 -7.57
C ILE D 44 2.77 11.03 -6.47
N SER D 45 1.70 10.30 -6.77
CA SER D 45 0.65 10.05 -5.79
C SER D 45 1.24 9.39 -4.54
N SER D 46 2.04 8.36 -4.75
CA SER D 46 2.68 7.63 -3.65
C SER D 46 3.48 8.59 -2.77
N ALA D 47 4.28 9.45 -3.39
CA ALA D 47 5.08 10.40 -2.63
C ALA D 47 4.22 11.46 -1.94
N VAL D 48 3.18 11.92 -2.62
CA VAL D 48 2.29 12.93 -2.04
C VAL D 48 1.62 12.39 -0.77
N ARG D 49 1.19 11.13 -0.81
CA ARG D 49 0.55 10.53 0.36
C ARG D 49 1.58 10.23 1.46
N LYS D 50 2.84 10.61 1.20
CA LYS D 50 3.94 10.44 2.16
C LYS D 50 4.42 9.03 2.49
N ALA D 51 4.39 8.14 1.51
CA ALA D 51 4.87 6.78 1.76
C ALA D 51 6.36 6.88 2.06
N GLY D 52 6.82 6.19 3.10
CA GLY D 52 8.22 6.21 3.43
C GLY D 52 8.68 7.41 4.25
N ILE D 53 7.76 8.30 4.62
CA ILE D 53 8.14 9.46 5.41
C ILE D 53 8.80 9.03 6.73
N ALA D 54 8.49 7.83 7.19
CA ALA D 54 9.07 7.34 8.44
C ALA D 54 10.60 7.30 8.36
N HIS D 55 11.12 6.97 7.18
CA HIS D 55 12.57 6.92 6.98
C HIS D 55 13.18 8.30 7.06
N LEU D 56 12.40 9.32 6.68
CA LEU D 56 12.89 10.68 6.73
C LEU D 56 12.99 11.13 8.17
N TYR D 57 12.15 10.56 9.04
CA TYR D 57 12.18 10.95 10.44
C TYR D 57 13.01 10.03 11.35
N GLY D 58 13.91 9.26 10.74
CA GLY D 58 14.81 8.41 11.51
C GLY D 58 14.39 7.04 12.01
N ILE D 59 13.38 6.41 11.39
CA ILE D 59 12.98 5.09 11.87
C ILE D 59 14.11 4.07 11.78
N ALA D 60 15.03 4.27 10.85
CA ALA D 60 16.16 3.35 10.70
C ALA D 60 17.46 3.94 11.23
N GLY D 61 17.36 5.02 12.00
CA GLY D 61 18.54 5.66 12.56
C GLY D 61 19.03 6.84 11.75
N LYS D 72 12.57 17.89 -2.29
CA LYS D 72 11.25 18.53 -2.31
C LYS D 72 10.30 17.76 -3.23
N LEU D 73 9.02 17.68 -2.85
CA LEU D 73 8.02 16.96 -3.63
C LEU D 73 7.83 17.53 -5.04
N ASP D 74 7.84 18.86 -5.15
CA ASP D 74 7.70 19.51 -6.46
C ASP D 74 8.81 19.07 -7.40
N VAL D 75 10.03 19.07 -6.88
CA VAL D 75 11.17 18.69 -7.69
C VAL D 75 11.13 17.20 -8.03
N LEU D 76 10.78 16.36 -7.05
CA LEU D 76 10.69 14.93 -7.30
C LEU D 76 9.63 14.66 -8.38
N SER D 77 8.50 15.36 -8.28
CA SER D 77 7.41 15.18 -9.24
C SER D 77 7.85 15.56 -10.65
N ASN D 78 8.57 16.66 -10.77
CA ASN D 78 9.03 17.09 -12.07
C ASN D 78 10.01 16.05 -12.62
N ASP D 79 10.89 15.54 -11.77
CA ASP D 79 11.85 14.53 -12.17
C ASP D 79 11.15 13.27 -12.67
N LEU D 80 10.09 12.87 -11.98
CA LEU D 80 9.34 11.68 -12.37
C LEU D 80 8.71 11.86 -13.75
N VAL D 81 8.02 12.97 -13.96
CA VAL D 81 7.37 13.21 -15.23
C VAL D 81 8.41 13.35 -16.36
N MET D 82 9.44 14.15 -16.12
CA MET D 82 10.50 14.36 -17.11
C MET D 82 11.15 13.06 -17.54
N ASN D 83 11.61 12.28 -16.57
CA ASN D 83 12.26 11.02 -16.87
C ASN D 83 11.35 10.00 -17.54
N MET D 84 10.12 9.85 -17.08
CA MET D 84 9.20 8.89 -17.70
C MET D 84 8.86 9.32 -19.14
N LEU D 85 8.62 10.61 -19.35
CA LEU D 85 8.30 11.10 -20.68
C LEU D 85 9.48 10.92 -21.64
N LYS D 86 10.68 11.27 -21.20
CA LYS D 86 11.86 11.12 -22.04
C LYS D 86 12.05 9.65 -22.41
N SER D 87 11.95 8.77 -21.41
CA SER D 87 12.14 7.35 -21.62
C SER D 87 11.02 6.68 -22.42
N SER D 88 9.96 7.43 -22.74
CA SER D 88 8.85 6.87 -23.49
C SER D 88 9.19 6.82 -24.99
N PHE D 89 10.21 7.60 -25.38
CA PHE D 89 10.65 7.69 -26.77
C PHE D 89 9.53 8.30 -27.63
N ALA D 90 8.57 8.95 -26.99
CA ALA D 90 7.45 9.55 -27.71
C ALA D 90 7.42 11.07 -27.73
N THR D 91 8.36 11.71 -27.05
CA THR D 91 8.37 13.18 -26.98
C THR D 91 9.66 13.82 -27.49
N CYS D 92 9.59 15.12 -27.79
CA CYS D 92 10.76 15.84 -28.27
C CYS D 92 10.95 17.18 -27.56
N VAL D 93 9.85 17.76 -27.06
CA VAL D 93 9.93 19.02 -26.34
C VAL D 93 9.05 18.94 -25.09
N LEU D 94 9.63 19.29 -23.94
CA LEU D 94 8.90 19.22 -22.67
C LEU D 94 8.93 20.56 -21.93
N VAL D 95 7.76 21.12 -21.69
CA VAL D 95 7.66 22.39 -20.97
C VAL D 95 7.04 22.14 -19.61
N SER D 96 7.77 22.55 -18.57
CA SER D 96 7.33 22.38 -17.21
C SER D 96 7.32 23.68 -16.46
N GLU D 97 6.34 23.77 -15.58
CA GLU D 97 6.10 24.89 -14.69
C GLU D 97 7.35 25.07 -13.82
N GLU D 98 8.10 23.98 -13.63
CA GLU D 98 9.31 23.99 -12.81
C GLU D 98 10.60 24.44 -13.51
N ASP D 99 10.58 24.51 -14.83
CA ASP D 99 11.79 24.89 -15.58
C ASP D 99 11.64 26.18 -16.37
N LYS D 100 12.67 27.03 -16.32
CA LYS D 100 12.67 28.31 -17.02
C LYS D 100 12.60 28.13 -18.54
N HIS D 101 13.45 27.26 -19.06
CA HIS D 101 13.51 26.98 -20.49
C HIS D 101 12.86 25.65 -20.83
N ALA D 102 12.44 25.50 -22.07
CA ALA D 102 11.84 24.27 -22.54
C ALA D 102 12.92 23.19 -22.54
N ILE D 103 12.55 21.97 -22.17
CA ILE D 103 13.53 20.89 -22.17
C ILE D 103 13.47 20.19 -23.52
N ILE D 104 14.63 20.02 -24.14
CA ILE D 104 14.72 19.38 -25.44
C ILE D 104 15.20 17.95 -25.22
N VAL D 105 14.39 16.98 -25.63
CA VAL D 105 14.75 15.58 -25.46
C VAL D 105 15.94 15.25 -26.35
N GLU D 106 16.86 14.46 -25.82
CA GLU D 106 18.04 14.05 -26.56
C GLU D 106 17.60 13.31 -27.82
N PRO D 107 18.34 13.46 -28.92
CA PRO D 107 18.07 12.83 -30.23
C PRO D 107 17.65 11.36 -30.20
N GLU D 108 18.38 10.54 -29.45
CA GLU D 108 18.10 9.11 -29.38
C GLU D 108 16.82 8.70 -28.66
N LYS D 109 16.09 9.64 -28.09
CA LYS D 109 14.86 9.31 -27.38
C LYS D 109 13.69 10.17 -27.84
N ARG D 110 13.88 10.89 -28.93
CA ARG D 110 12.86 11.79 -29.45
C ARG D 110 11.67 11.12 -30.14
N GLY D 111 10.49 11.65 -29.83
CA GLY D 111 9.24 11.18 -30.41
C GLY D 111 8.58 12.41 -31.01
N LYS D 112 7.40 12.25 -31.59
CA LYS D 112 6.71 13.36 -32.24
C LYS D 112 5.85 14.28 -31.38
N TYR D 113 5.75 14.02 -30.08
CA TYR D 113 4.89 14.85 -29.23
C TYR D 113 5.58 15.89 -28.35
N VAL D 114 4.83 16.93 -28.05
CA VAL D 114 5.27 18.04 -27.20
C VAL D 114 4.35 18.02 -25.98
N VAL D 115 4.94 18.06 -24.79
CA VAL D 115 4.14 18.02 -23.58
C VAL D 115 4.38 19.23 -22.68
N CYS D 116 3.29 19.89 -22.30
CA CYS D 116 3.35 21.04 -21.40
C CYS D 116 2.67 20.53 -20.14
N PHE D 117 3.31 20.69 -18.99
CA PHE D 117 2.70 20.19 -17.76
C PHE D 117 3.12 20.92 -16.49
N ASP D 118 2.29 20.76 -15.45
CA ASP D 118 2.56 21.31 -14.14
C ASP D 118 2.64 20.04 -13.29
N PRO D 119 3.87 19.61 -12.95
CA PRO D 119 4.08 18.39 -12.15
C PRO D 119 3.31 18.29 -10.85
N LEU D 120 3.23 19.38 -10.09
CA LEU D 120 2.48 19.36 -8.84
C LEU D 120 1.81 20.70 -8.54
N ASP D 121 0.63 20.86 -9.12
CA ASP D 121 -0.18 22.06 -8.98
C ASP D 121 -0.71 22.21 -7.55
N GLY D 122 -0.54 23.41 -6.99
CA GLY D 122 -1.01 23.67 -5.64
C GLY D 122 -0.04 23.26 -4.54
N SER D 123 1.18 22.89 -4.92
CA SER D 123 2.18 22.47 -3.96
C SER D 123 2.64 23.60 -3.02
N SER D 124 2.42 24.84 -3.42
CA SER D 124 2.82 25.99 -2.61
C SER D 124 2.24 25.92 -1.20
N ASN D 125 1.01 25.44 -1.08
CA ASN D 125 0.36 25.32 0.23
C ASN D 125 0.34 23.87 0.71
N ILE D 126 1.17 23.02 0.08
CA ILE D 126 1.23 21.61 0.43
C ILE D 126 1.42 21.36 1.93
N ASP D 127 1.87 22.38 2.67
CA ASP D 127 2.09 22.25 4.11
C ASP D 127 0.81 22.02 4.90
N CYS D 128 -0.32 22.47 4.38
CA CYS D 128 -1.59 22.30 5.06
C CYS D 128 -2.34 21.08 4.53
N LEU D 129 -1.63 20.26 3.75
CA LEU D 129 -2.21 19.04 3.18
C LEU D 129 -3.37 19.31 2.24
N VAL D 130 -3.38 20.50 1.66
CA VAL D 130 -4.40 20.89 0.70
C VAL D 130 -4.24 19.97 -0.52
N SER D 131 -5.33 19.69 -1.22
CA SER D 131 -5.26 18.85 -2.41
C SER D 131 -4.28 19.46 -3.42
N VAL D 132 -3.51 18.60 -4.07
CA VAL D 132 -2.57 19.06 -5.09
C VAL D 132 -2.79 18.18 -6.32
N GLY D 133 -2.18 18.52 -7.44
CA GLY D 133 -2.36 17.71 -8.62
C GLY D 133 -1.34 17.94 -9.73
N THR D 134 -1.47 17.16 -10.79
CA THR D 134 -0.60 17.26 -11.93
C THR D 134 -1.46 17.63 -13.15
N ILE D 135 -1.05 18.64 -13.90
CA ILE D 135 -1.80 19.08 -15.07
C ILE D 135 -0.94 18.87 -16.31
N PHE D 136 -1.55 18.43 -17.40
CA PHE D 136 -0.78 18.19 -18.62
C PHE D 136 -1.57 18.45 -19.89
N GLY D 137 -0.82 18.82 -20.94
CA GLY D 137 -1.40 19.10 -22.25
C GLY D 137 -0.42 18.53 -23.27
N ILE D 138 -0.94 17.75 -24.22
CA ILE D 138 -0.10 17.11 -25.23
C ILE D 138 -0.42 17.59 -26.65
N TYR D 139 0.62 18.03 -27.37
CA TYR D 139 0.49 18.50 -28.74
C TYR D 139 1.39 17.67 -29.66
N ARG D 140 1.02 17.60 -30.93
CA ARG D 140 1.82 16.90 -31.91
C ARG D 140 2.74 17.97 -32.50
N LYS D 141 4.03 17.70 -32.59
CA LYS D 141 4.97 18.67 -33.16
C LYS D 141 4.48 18.99 -34.58
N LYS D 142 4.37 20.27 -34.89
CA LYS D 142 3.87 20.68 -36.19
C LYS D 142 4.91 20.89 -37.30
N SER D 143 6.15 21.18 -36.92
CA SER D 143 7.17 21.38 -37.93
C SER D 143 8.30 20.37 -37.78
N THR D 144 9.07 20.20 -38.84
CA THR D 144 10.19 19.29 -38.86
C THR D 144 11.44 19.99 -38.39
N ASP D 145 11.28 21.24 -37.97
CA ASP D 145 12.40 22.04 -37.48
C ASP D 145 13.05 21.35 -36.29
N GLU D 146 14.35 21.53 -36.12
CA GLU D 146 14.97 20.94 -34.96
C GLU D 146 14.07 21.34 -33.79
N PRO D 147 13.77 20.40 -32.88
CA PRO D 147 12.91 20.70 -31.74
C PRO D 147 13.38 21.89 -30.92
N SER D 148 12.46 22.80 -30.61
CA SER D 148 12.79 23.97 -29.80
C SER D 148 11.58 24.43 -29.00
N GLU D 149 11.76 25.48 -28.21
CA GLU D 149 10.68 26.01 -27.40
C GLU D 149 9.49 26.44 -28.25
N LYS D 150 9.77 26.83 -29.48
CA LYS D 150 8.71 27.28 -30.39
C LYS D 150 7.65 26.21 -30.63
N ASP D 151 8.05 24.95 -30.55
CA ASP D 151 7.12 23.85 -30.78
C ASP D 151 6.02 23.79 -29.72
N ALA D 152 6.23 24.44 -28.58
CA ALA D 152 5.23 24.42 -27.52
C ALA D 152 4.34 25.66 -27.57
N LEU D 153 4.59 26.53 -28.54
CA LEU D 153 3.80 27.75 -28.70
C LEU D 153 2.62 27.54 -29.65
N GLN D 154 1.78 26.56 -29.34
CA GLN D 154 0.60 26.27 -30.15
C GLN D 154 -0.64 26.63 -29.35
N PRO D 155 -1.71 27.05 -30.05
CA PRO D 155 -2.94 27.40 -29.32
C PRO D 155 -3.53 26.11 -28.74
N GLY D 156 -4.19 26.21 -27.59
CA GLY D 156 -4.80 25.05 -26.97
C GLY D 156 -5.73 24.29 -27.89
N ARG D 157 -6.22 24.99 -28.92
CA ARG D 157 -7.13 24.38 -29.89
C ARG D 157 -6.46 23.18 -30.59
N ASN D 158 -5.14 23.16 -30.62
CA ASN D 158 -4.40 22.08 -31.27
C ASN D 158 -4.12 20.86 -30.40
N LEU D 159 -4.54 20.90 -29.13
CA LEU D 159 -4.30 19.78 -28.22
C LEU D 159 -4.83 18.45 -28.75
N VAL D 160 -4.06 17.38 -28.54
CA VAL D 160 -4.50 16.04 -28.95
C VAL D 160 -5.03 15.34 -27.71
N ALA D 161 -4.51 15.71 -26.55
CA ALA D 161 -4.94 15.14 -25.29
C ALA D 161 -4.51 16.06 -24.14
N ALA D 162 -5.30 16.06 -23.08
CA ALA D 162 -4.99 16.89 -21.93
C ALA D 162 -5.80 16.42 -20.73
N GLY D 163 -5.38 16.82 -19.56
CA GLY D 163 -6.08 16.40 -18.36
C GLY D 163 -5.28 16.69 -17.12
N TYR D 164 -5.59 15.96 -16.06
CA TYR D 164 -4.92 16.16 -14.80
C TYR D 164 -5.13 14.99 -13.88
N ALA D 165 -4.29 14.93 -12.85
CA ALA D 165 -4.41 13.90 -11.83
C ALA D 165 -4.64 14.72 -10.57
N LEU D 166 -5.67 14.36 -9.82
CA LEU D 166 -5.96 15.05 -8.57
C LEU D 166 -5.61 14.15 -7.41
N TYR D 167 -4.73 14.63 -6.55
CA TYR D 167 -4.34 13.86 -5.38
C TYR D 167 -5.12 14.44 -4.20
N GLY D 168 -6.41 14.08 -4.12
CA GLY D 168 -7.28 14.56 -3.06
C GLY D 168 -7.60 13.46 -2.07
N SER D 169 -8.87 13.36 -1.67
CA SER D 169 -9.28 12.30 -0.74
C SER D 169 -8.83 10.98 -1.35
N ALA D 170 -8.92 10.92 -2.68
CA ALA D 170 -8.47 9.75 -3.43
C ALA D 170 -7.76 10.31 -4.65
N THR D 171 -7.03 9.47 -5.38
CA THR D 171 -6.34 9.95 -6.56
C THR D 171 -7.12 9.60 -7.81
N MET D 172 -7.40 10.61 -8.62
CA MET D 172 -8.15 10.41 -9.86
C MET D 172 -7.44 11.06 -11.05
N LEU D 173 -7.49 10.38 -12.19
CA LEU D 173 -6.88 10.91 -13.41
C LEU D 173 -8.01 11.22 -14.39
N VAL D 174 -8.08 12.49 -14.81
CA VAL D 174 -9.09 12.90 -15.77
C VAL D 174 -8.39 13.09 -17.11
N LEU D 175 -8.82 12.32 -18.10
CA LEU D 175 -8.22 12.38 -19.43
C LEU D 175 -9.21 12.85 -20.47
N ALA D 176 -8.87 13.92 -21.19
CA ALA D 176 -9.73 14.44 -22.22
C ALA D 176 -9.04 14.32 -23.58
N MET D 177 -9.80 13.86 -24.56
CA MET D 177 -9.33 13.71 -25.93
C MET D 177 -10.55 13.91 -26.82
N ASP D 178 -10.38 13.72 -28.13
CA ASP D 178 -11.49 13.90 -29.04
C ASP D 178 -12.71 13.06 -28.69
N CYS D 179 -12.49 11.85 -28.19
CA CYS D 179 -13.60 10.97 -27.83
C CYS D 179 -14.35 11.41 -26.58
N GLY D 180 -13.87 12.46 -25.91
CA GLY D 180 -14.54 12.94 -24.72
C GLY D 180 -13.68 12.95 -23.47
N VAL D 181 -14.33 13.12 -22.33
CA VAL D 181 -13.66 13.17 -21.03
C VAL D 181 -13.95 11.89 -20.23
N ASN D 182 -12.89 11.23 -19.77
CA ASN D 182 -13.05 10.02 -18.98
C ASN D 182 -12.28 10.10 -17.67
N CYS D 183 -12.93 9.67 -16.59
CA CYS D 183 -12.36 9.73 -15.25
C CYS D 183 -11.98 8.35 -14.70
N PHE D 184 -10.73 8.24 -14.24
CA PHE D 184 -10.22 6.99 -13.71
C PHE D 184 -9.77 7.14 -12.25
N MET D 185 -10.19 6.22 -11.40
CA MET D 185 -9.83 6.27 -9.98
C MET D 185 -8.66 5.32 -9.74
N LEU D 186 -7.64 5.81 -9.05
CA LEU D 186 -6.48 4.98 -8.73
C LEU D 186 -6.78 4.07 -7.55
N ASP D 187 -6.68 2.76 -7.77
CA ASP D 187 -6.89 1.77 -6.72
C ASP D 187 -5.50 1.47 -6.16
N PRO D 188 -5.18 2.04 -4.99
CA PRO D 188 -3.87 1.84 -4.35
C PRO D 188 -3.51 0.39 -4.05
N ALA D 189 -4.53 -0.47 -3.91
CA ALA D 189 -4.27 -1.87 -3.61
C ALA D 189 -3.55 -2.58 -4.78
N ILE D 190 -3.84 -2.16 -6.00
CA ILE D 190 -3.23 -2.78 -7.17
C ILE D 190 -2.54 -1.80 -8.12
N GLY D 191 -2.49 -0.54 -7.72
CA GLY D 191 -1.84 0.45 -8.58
C GLY D 191 -2.42 0.47 -9.98
N GLU D 192 -3.74 0.50 -10.05
CA GLU D 192 -4.44 0.50 -11.32
C GLU D 192 -5.50 1.61 -11.40
N PHE D 193 -5.50 2.35 -12.51
CA PHE D 193 -6.48 3.41 -12.71
C PHE D 193 -7.75 2.79 -13.29
N ILE D 194 -8.81 2.78 -12.51
CA ILE D 194 -10.10 2.20 -12.89
C ILE D 194 -11.06 3.24 -13.46
N LEU D 195 -11.59 2.97 -14.65
CA LEU D 195 -12.54 3.88 -15.29
C LEU D 195 -13.85 3.87 -14.48
N VAL D 196 -14.21 5.01 -13.91
CA VAL D 196 -15.42 5.09 -13.10
C VAL D 196 -16.48 6.04 -13.65
N ASP D 197 -16.08 6.92 -14.56
CA ASP D 197 -17.01 7.88 -15.17
C ASP D 197 -16.66 8.04 -16.65
N LYS D 198 -17.56 7.60 -17.52
CA LYS D 198 -17.33 7.65 -18.96
C LYS D 198 -17.98 8.83 -19.67
N ASP D 199 -17.28 9.37 -20.68
CA ASP D 199 -17.75 10.48 -21.49
C ASP D 199 -18.52 11.49 -20.63
N VAL D 200 -17.82 12.06 -19.67
CA VAL D 200 -18.39 13.03 -18.75
C VAL D 200 -18.76 14.36 -19.35
N LYS D 201 -19.90 14.88 -18.90
CA LYS D 201 -20.42 16.17 -19.35
C LYS D 201 -20.74 17.00 -18.12
N ILE D 202 -20.37 18.27 -18.16
CA ILE D 202 -20.60 19.18 -17.04
C ILE D 202 -22.05 19.67 -17.06
N LYS D 203 -22.58 20.00 -15.90
CA LYS D 203 -23.95 20.51 -15.78
C LYS D 203 -24.08 21.81 -16.57
N LYS D 204 -25.24 21.99 -17.20
CA LYS D 204 -25.49 23.20 -17.98
C LYS D 204 -25.33 24.45 -17.11
N LYS D 205 -25.77 24.34 -15.86
CA LYS D 205 -25.69 25.46 -14.92
C LYS D 205 -25.47 24.94 -13.50
N GLY D 206 -24.57 25.58 -12.76
CA GLY D 206 -24.28 25.16 -11.40
C GLY D 206 -24.76 26.14 -10.34
N LYS D 207 -24.36 25.90 -9.09
CA LYS D 207 -24.76 26.74 -7.96
C LYS D 207 -23.57 27.08 -7.05
N ILE D 208 -22.38 27.07 -7.61
CA ILE D 208 -21.17 27.37 -6.87
C ILE D 208 -20.24 28.27 -7.69
N TYR D 209 -19.67 29.29 -7.05
CA TYR D 209 -18.73 30.17 -7.72
C TYR D 209 -17.41 30.00 -6.95
N SER D 210 -16.30 30.05 -7.67
CA SER D 210 -15.00 29.84 -7.07
C SER D 210 -13.93 30.82 -7.52
N LEU D 211 -13.41 31.60 -6.59
CA LEU D 211 -12.35 32.57 -6.85
C LEU D 211 -11.86 33.14 -5.53
N ASN D 212 -10.64 33.67 -5.52
CA ASN D 212 -10.05 34.26 -4.33
C ASN D 212 -10.63 35.64 -4.14
N GLU D 213 -11.64 35.77 -3.26
CA GLU D 213 -12.27 37.05 -3.03
C GLU D 213 -11.39 38.00 -2.23
N GLY D 214 -10.21 37.53 -1.84
CA GLY D 214 -9.28 38.37 -1.10
C GLY D 214 -8.74 39.47 -2.02
N TYR D 215 -8.92 39.26 -3.32
CA TYR D 215 -8.48 40.24 -4.32
C TYR D 215 -9.56 41.27 -4.59
N ALA D 216 -10.68 41.17 -3.88
CA ALA D 216 -11.82 42.07 -4.08
C ALA D 216 -11.45 43.52 -4.38
N LYS D 217 -10.60 44.12 -3.54
CA LYS D 217 -10.20 45.50 -3.72
C LYS D 217 -9.64 45.79 -5.11
N ASP D 218 -8.96 44.81 -5.71
CA ASP D 218 -8.39 45.02 -7.03
C ASP D 218 -9.17 44.39 -8.18
N PHE D 219 -10.38 43.88 -7.87
CA PHE D 219 -11.22 43.26 -8.89
C PHE D 219 -11.55 44.21 -10.04
N ASP D 220 -11.72 43.61 -11.22
CA ASP D 220 -12.12 44.34 -12.40
C ASP D 220 -13.61 44.61 -12.13
N PRO D 221 -14.16 45.73 -12.62
CA PRO D 221 -15.58 46.02 -12.40
C PRO D 221 -16.54 44.90 -12.78
N ALA D 222 -16.25 44.21 -13.88
CA ALA D 222 -17.10 43.12 -14.34
C ALA D 222 -17.12 41.95 -13.34
N VAL D 223 -15.96 41.63 -12.79
CA VAL D 223 -15.88 40.54 -11.82
C VAL D 223 -16.63 40.93 -10.56
N THR D 224 -16.45 42.18 -10.13
CA THR D 224 -17.14 42.65 -8.92
C THR D 224 -18.66 42.53 -9.08
N GLU D 225 -19.19 42.96 -10.23
CA GLU D 225 -20.63 42.88 -10.43
C GLU D 225 -21.12 41.43 -10.55
N TYR D 226 -20.39 40.61 -11.30
CA TYR D 226 -20.79 39.21 -11.45
C TYR D 226 -20.90 38.50 -10.10
N ILE D 227 -19.88 38.66 -9.26
CA ILE D 227 -19.88 38.03 -7.95
C ILE D 227 -21.04 38.59 -7.12
N GLN D 228 -21.28 39.89 -7.24
CA GLN D 228 -22.37 40.51 -6.51
C GLN D 228 -23.70 39.85 -6.91
N ARG D 229 -23.83 39.44 -8.17
CA ARG D 229 -25.05 38.79 -8.61
C ARG D 229 -25.17 37.36 -8.09
N LYS D 230 -24.03 36.75 -7.76
CA LYS D 230 -24.04 35.39 -7.22
C LYS D 230 -24.46 35.41 -5.76
N LYS D 231 -24.13 36.50 -5.07
CA LYS D 231 -24.48 36.66 -3.64
C LYS D 231 -25.84 37.31 -3.45
N PHE D 232 -26.19 38.23 -4.34
CA PHE D 232 -27.47 38.93 -4.26
C PHE D 232 -28.16 38.83 -5.63
N PRO D 233 -28.69 37.65 -5.96
CA PRO D 233 -29.36 37.47 -7.24
C PRO D 233 -30.47 38.50 -7.41
N PRO D 234 -30.37 39.34 -8.45
CA PRO D 234 -31.39 40.36 -8.70
C PRO D 234 -32.80 39.79 -8.91
N ASP D 235 -32.89 38.51 -9.26
CA ASP D 235 -34.20 37.88 -9.47
C ASP D 235 -34.64 37.19 -8.17
N ASN D 236 -33.89 37.42 -7.10
CA ASN D 236 -34.18 36.85 -5.78
C ASN D 236 -34.12 35.33 -5.69
N SER D 237 -33.41 34.69 -6.61
CA SER D 237 -33.23 33.25 -6.59
C SER D 237 -32.24 32.95 -5.47
N ALA D 238 -32.02 31.67 -5.17
CA ALA D 238 -31.08 31.29 -4.11
C ALA D 238 -29.65 31.67 -4.47
N PRO D 239 -28.94 32.31 -3.54
CA PRO D 239 -27.55 32.70 -3.84
C PRO D 239 -26.66 31.48 -4.01
N TYR D 240 -25.61 31.62 -4.82
CA TYR D 240 -24.67 30.53 -5.07
C TYR D 240 -23.79 30.31 -3.83
N GLY D 241 -23.31 29.08 -3.67
CA GLY D 241 -22.41 28.78 -2.57
C GLY D 241 -21.01 29.10 -3.06
N ALA D 242 -20.08 29.36 -2.13
CA ALA D 242 -18.70 29.68 -2.52
C ALA D 242 -17.72 28.59 -2.09
N ARG D 243 -16.75 28.31 -2.96
CA ARG D 243 -15.72 27.32 -2.68
C ARG D 243 -14.44 27.79 -3.36
N TYR D 244 -13.33 27.76 -2.64
CA TYR D 244 -12.05 28.13 -3.24
C TYR D 244 -10.92 27.42 -2.49
N VAL D 245 -10.50 26.29 -3.04
CA VAL D 245 -9.44 25.49 -2.44
C VAL D 245 -8.09 26.17 -2.57
N GLY D 246 -7.85 26.84 -3.70
CA GLY D 246 -6.59 27.52 -3.90
C GLY D 246 -5.66 26.72 -4.80
N SER D 247 -6.10 25.52 -5.16
CA SER D 247 -5.36 24.64 -6.05
C SER D 247 -6.24 24.51 -7.30
N MET D 248 -5.71 24.91 -8.46
CA MET D 248 -6.48 24.87 -9.69
C MET D 248 -7.09 23.52 -10.02
N VAL D 249 -6.31 22.45 -9.91
CA VAL D 249 -6.83 21.13 -10.21
C VAL D 249 -8.01 20.79 -9.33
N ALA D 250 -7.93 21.13 -8.03
CA ALA D 250 -9.03 20.83 -7.12
C ALA D 250 -10.27 21.65 -7.44
N ASP D 251 -10.10 22.95 -7.65
CA ASP D 251 -11.24 23.81 -7.94
C ASP D 251 -11.88 23.49 -9.29
N VAL D 252 -11.05 23.22 -10.30
CA VAL D 252 -11.59 22.91 -11.63
C VAL D 252 -12.32 21.56 -11.63
N HIS D 253 -11.77 20.57 -10.93
CA HIS D 253 -12.42 19.27 -10.89
C HIS D 253 -13.78 19.36 -10.18
N ARG D 254 -13.86 20.15 -9.11
CA ARG D 254 -15.14 20.30 -8.42
C ARG D 254 -16.13 20.92 -9.40
N THR D 255 -15.66 21.91 -10.15
CA THR D 255 -16.48 22.59 -11.15
C THR D 255 -17.01 21.58 -12.16
N LEU D 256 -16.15 20.67 -12.61
CA LEU D 256 -16.55 19.64 -13.56
C LEU D 256 -17.60 18.69 -12.97
N VAL D 257 -17.36 18.24 -11.74
CA VAL D 257 -18.25 17.31 -11.06
C VAL D 257 -19.60 17.89 -10.62
N TYR D 258 -19.57 19.06 -9.99
CA TYR D 258 -20.78 19.73 -9.50
C TYR D 258 -21.33 20.82 -10.39
N GLY D 259 -20.54 21.27 -11.34
CA GLY D 259 -20.98 22.35 -12.20
C GLY D 259 -20.70 23.66 -11.49
N GLY D 260 -20.96 24.77 -12.17
CA GLY D 260 -20.72 26.06 -11.57
C GLY D 260 -19.67 26.84 -12.35
N ILE D 261 -18.97 27.74 -11.67
CA ILE D 261 -17.97 28.53 -12.36
C ILE D 261 -16.69 28.77 -11.54
N PHE D 262 -15.57 28.82 -12.25
CA PHE D 262 -14.26 29.06 -11.64
C PHE D 262 -13.64 30.29 -12.30
N LEU D 263 -13.09 31.19 -11.49
CA LEU D 263 -12.47 32.38 -12.04
C LEU D 263 -11.11 32.75 -11.47
N TYR D 264 -10.20 33.11 -12.36
CA TYR D 264 -8.88 33.63 -11.99
C TYR D 264 -8.68 34.67 -13.07
N PRO D 265 -9.43 35.78 -12.95
CA PRO D 265 -9.41 36.90 -13.87
C PRO D 265 -8.24 37.84 -13.79
N ALA D 266 -8.25 38.73 -14.79
CA ALA D 266 -7.26 39.77 -14.96
C ALA D 266 -7.79 41.04 -14.30
N ASN D 267 -6.88 41.97 -14.03
CA ASN D 267 -7.19 43.25 -13.41
C ASN D 267 -6.11 44.21 -13.88
N LYS D 268 -6.32 45.50 -13.62
CA LYS D 268 -5.36 46.52 -14.01
C LYS D 268 -3.92 46.15 -13.63
N LYS D 269 -3.73 45.59 -12.45
CA LYS D 269 -2.40 45.19 -11.98
C LYS D 269 -1.89 43.87 -12.57
N SER D 270 -2.80 43.04 -13.08
CA SER D 270 -2.46 41.77 -13.72
C SER D 270 -3.34 41.65 -14.96
N PRO D 271 -3.03 42.44 -15.99
CA PRO D 271 -3.75 42.50 -17.27
C PRO D 271 -3.93 41.15 -17.95
N ASN D 272 -3.00 40.22 -17.70
CA ASN D 272 -3.07 38.91 -18.31
C ASN D 272 -3.36 37.80 -17.32
N GLY D 273 -3.68 38.17 -16.08
CA GLY D 273 -3.99 37.14 -15.09
C GLY D 273 -2.78 36.59 -14.37
N LYS D 274 -2.98 35.52 -13.61
CA LYS D 274 -1.89 34.90 -12.88
C LYS D 274 -1.56 33.48 -13.29
N LEU D 275 -2.57 32.72 -13.68
CA LEU D 275 -2.35 31.34 -14.09
C LEU D 275 -1.65 31.30 -15.45
N ARG D 276 -0.88 30.25 -15.70
CA ARG D 276 -0.15 30.10 -16.94
C ARG D 276 -0.94 29.40 -18.04
N LEU D 277 -0.87 29.98 -19.23
CA LEU D 277 -1.58 29.46 -20.39
C LEU D 277 -1.25 28.04 -20.82
N LEU D 278 0.03 27.77 -21.07
CA LEU D 278 0.46 26.46 -21.56
C LEU D 278 0.14 25.22 -20.72
N TYR D 279 0.41 25.29 -19.42
CA TYR D 279 0.20 24.13 -18.56
C TYR D 279 -0.84 24.22 -17.46
N GLU D 280 -1.63 25.27 -17.44
CA GLU D 280 -2.69 25.41 -16.45
C GLU D 280 -4.01 25.72 -17.14
N CYS D 281 -4.05 26.83 -17.88
CA CYS D 281 -5.28 27.24 -18.55
C CYS D 281 -5.72 26.38 -19.73
N ASN D 282 -4.85 26.21 -20.72
CA ASN D 282 -5.20 25.42 -21.91
C ASN D 282 -5.70 24.01 -21.58
N PRO D 283 -4.96 23.25 -20.76
CA PRO D 283 -5.41 21.89 -20.44
C PRO D 283 -6.81 21.87 -19.80
N MET D 284 -7.05 22.77 -18.84
CA MET D 284 -8.34 22.81 -18.17
C MET D 284 -9.43 23.31 -19.14
N ALA D 285 -9.06 24.24 -20.01
CA ALA D 285 -10.01 24.77 -20.98
C ALA D 285 -10.42 23.64 -21.93
N TYR D 286 -9.45 22.81 -22.28
CA TYR D 286 -9.69 21.69 -23.19
C TYR D 286 -10.63 20.66 -22.54
N VAL D 287 -10.38 20.35 -21.27
CA VAL D 287 -11.20 19.40 -20.56
C VAL D 287 -12.62 19.95 -20.48
N MET D 288 -12.74 21.24 -20.15
CA MET D 288 -14.04 21.87 -20.04
C MET D 288 -14.84 21.83 -21.33
N GLU D 289 -14.22 22.19 -22.46
CA GLU D 289 -14.94 22.19 -23.73
C GLU D 289 -15.36 20.79 -24.16
N LYS D 290 -14.50 19.79 -23.94
CA LYS D 290 -14.84 18.42 -24.31
C LYS D 290 -16.00 17.93 -23.44
N ALA D 291 -16.15 18.53 -22.26
CA ALA D 291 -17.23 18.14 -21.35
C ALA D 291 -18.47 19.00 -21.60
N GLY D 292 -18.43 19.81 -22.65
CA GLY D 292 -19.57 20.66 -22.95
C GLY D 292 -19.60 21.92 -22.11
N GLY D 293 -18.44 22.29 -21.58
CA GLY D 293 -18.35 23.48 -20.76
C GLY D 293 -17.67 24.60 -21.52
N MET D 294 -17.31 25.68 -20.83
CA MET D 294 -16.65 26.81 -21.47
C MET D 294 -15.47 27.30 -20.65
N ALA D 295 -14.57 28.00 -21.34
CA ALA D 295 -13.37 28.57 -20.73
C ALA D 295 -12.98 29.79 -21.56
N THR D 296 -13.11 30.98 -20.98
CA THR D 296 -12.82 32.22 -21.68
C THR D 296 -11.84 33.10 -20.90
N THR D 297 -11.15 33.99 -21.61
CA THR D 297 -10.23 34.91 -20.98
C THR D 297 -11.04 36.17 -20.72
N GLY D 298 -12.25 36.18 -21.27
CA GLY D 298 -13.13 37.32 -21.14
C GLY D 298 -13.25 37.94 -22.53
N LYS D 299 -12.15 37.92 -23.26
CA LYS D 299 -12.10 38.48 -24.62
C LYS D 299 -12.27 37.41 -25.69
N GLU D 300 -11.72 36.22 -25.44
CA GLU D 300 -11.82 35.11 -26.39
C GLU D 300 -11.68 33.78 -25.66
N ALA D 301 -11.93 32.69 -26.39
CA ALA D 301 -11.80 31.36 -25.81
C ALA D 301 -10.32 31.11 -25.49
N VAL D 302 -10.06 30.57 -24.31
CA VAL D 302 -8.71 30.27 -23.87
C VAL D 302 -7.97 29.46 -24.93
N LEU D 303 -8.66 28.48 -25.50
CA LEU D 303 -8.06 27.60 -26.51
C LEU D 303 -7.65 28.29 -27.82
N ASP D 304 -8.14 29.51 -28.05
CA ASP D 304 -7.77 30.21 -29.29
C ASP D 304 -6.63 31.20 -29.11
N VAL D 305 -6.17 31.38 -27.88
CA VAL D 305 -5.07 32.30 -27.64
C VAL D 305 -3.79 31.74 -28.27
N ILE D 306 -3.13 32.54 -29.10
CA ILE D 306 -1.88 32.07 -29.69
C ILE D 306 -0.73 32.59 -28.84
N PRO D 307 -0.07 31.66 -28.10
CA PRO D 307 1.05 31.98 -27.22
C PRO D 307 2.31 32.42 -27.94
N THR D 308 3.07 33.30 -27.28
CA THR D 308 4.33 33.80 -27.81
C THR D 308 5.45 33.52 -26.80
N ASP D 309 5.07 33.11 -25.59
CA ASP D 309 6.00 32.79 -24.51
C ASP D 309 5.48 31.57 -23.74
N ILE D 310 6.33 30.56 -23.58
CA ILE D 310 5.92 29.33 -22.91
C ILE D 310 5.38 29.50 -21.50
N HIS D 311 5.80 30.57 -20.81
CA HIS D 311 5.34 30.81 -19.45
C HIS D 311 4.37 31.99 -19.33
N GLN D 312 3.82 32.45 -20.45
CA GLN D 312 2.92 33.59 -20.38
C GLN D 312 1.66 33.28 -19.58
N ARG D 313 1.14 34.32 -18.93
CA ARG D 313 -0.05 34.19 -18.11
C ARG D 313 -1.31 34.41 -18.94
N ALA D 314 -2.45 34.00 -18.40
CA ALA D 314 -3.70 34.17 -19.09
C ALA D 314 -4.84 34.19 -18.10
N PRO D 315 -5.79 35.12 -18.26
CA PRO D 315 -6.92 35.17 -17.33
C PRO D 315 -7.82 34.01 -17.74
N VAL D 316 -8.60 33.47 -16.80
CA VAL D 316 -9.48 32.37 -17.15
C VAL D 316 -10.73 32.30 -16.29
N ILE D 317 -11.86 32.08 -16.98
CA ILE D 317 -13.17 31.94 -16.37
C ILE D 317 -13.73 30.70 -17.07
N LEU D 318 -14.01 29.65 -16.31
CA LEU D 318 -14.49 28.40 -16.92
C LEU D 318 -15.57 27.70 -16.09
N GLY D 319 -16.18 26.68 -16.68
CA GLY D 319 -17.24 25.96 -15.98
C GLY D 319 -18.49 25.76 -16.81
N SER D 320 -19.63 25.62 -16.13
CA SER D 320 -20.92 25.42 -16.80
C SER D 320 -21.17 26.51 -17.83
N PRO D 321 -21.63 26.13 -19.04
CA PRO D 321 -21.90 27.10 -20.10
C PRO D 321 -22.80 28.28 -19.70
N ASP D 322 -23.93 28.00 -19.06
CA ASP D 322 -24.83 29.09 -18.67
C ASP D 322 -24.17 30.05 -17.67
N ASP D 323 -23.28 29.53 -16.84
CA ASP D 323 -22.61 30.39 -15.87
C ASP D 323 -21.55 31.26 -16.55
N VAL D 324 -20.77 30.68 -17.44
CA VAL D 324 -19.75 31.44 -18.14
C VAL D 324 -20.41 32.48 -19.06
N LEU D 325 -21.49 32.08 -19.72
CA LEU D 325 -22.22 32.98 -20.60
C LEU D 325 -22.73 34.17 -19.79
N GLU D 326 -23.20 33.93 -18.58
CA GLU D 326 -23.70 35.00 -17.75
C GLU D 326 -22.55 35.95 -17.41
N PHE D 327 -21.38 35.39 -17.10
CA PHE D 327 -20.25 36.25 -16.79
C PHE D 327 -19.90 37.11 -18.00
N LEU D 328 -19.86 36.47 -19.17
CA LEU D 328 -19.53 37.19 -20.40
C LEU D 328 -20.51 38.33 -20.66
N LYS D 329 -21.78 38.15 -20.27
CA LYS D 329 -22.78 39.20 -20.43
C LYS D 329 -22.35 40.41 -19.60
N VAL D 330 -21.97 40.14 -18.36
CA VAL D 330 -21.53 41.20 -17.47
C VAL D 330 -20.24 41.84 -17.99
N TYR D 331 -19.34 41.00 -18.49
CA TYR D 331 -18.07 41.48 -19.03
C TYR D 331 -18.32 42.46 -20.18
N GLU D 332 -19.22 42.07 -21.08
CA GLU D 332 -19.58 42.90 -22.24
C GLU D 332 -20.16 44.23 -21.78
N LYS D 333 -20.96 44.18 -20.71
CA LYS D 333 -21.59 45.38 -20.16
C LYS D 333 -20.55 46.43 -19.77
N HIS D 334 -19.39 45.95 -19.32
CA HIS D 334 -18.30 46.83 -18.91
C HIS D 334 -17.25 47.04 -20.01
N SER D 335 -17.55 46.59 -21.22
CA SER D 335 -16.62 46.73 -22.35
C SER D 335 -17.17 47.66 -23.43
#